data_1A69
#
_entry.id   1A69
#
_cell.length_a   123.110
_cell.length_b   123.110
_cell.length_c   241.220
_cell.angle_alpha   90.00
_cell.angle_beta   90.00
_cell.angle_gamma   120.00
#
_symmetry.space_group_name_H-M   'P 61 2 2'
#
loop_
_entity.id
_entity.type
_entity.pdbx_description
1 polymer 'PURINE NUCLEOSIDE PHOSPHORYLASE'
2 non-polymer 'SULFATE ION'
3 non-polymer 'FORMYCIN B'
4 water water
#
_entity_poly.entity_id   1
_entity_poly.type   'polypeptide(L)'
_entity_poly.pdbx_seq_one_letter_code
;ATPHINAEMGDFADVVLMPGDPLRAKYIAETFLEDAREVNNVRGMLGFTGTYKGRKISVMGHGMGIPSCSIYTKELITDF
GVKKIIRVGSCGAVLPHVKLRDVVIGMGACTDSKVNRIRFKDHDFAAIADFDMVRNAVDAAKALGIDARVGNLFSADLFY
SPDGEMFDVMEKYGILGVEMEAAGIYGVAAEFGAKALTICTVSDHIRTHEQTTAAERQTTFNDMIKIALESVLLGDKE
;
_entity_poly.pdbx_strand_id   A,B,C
#
# COMPACT_ATOMS: atom_id res chain seq x y z
N ALA A 1 19.76 -19.79 -10.85
CA ALA A 1 18.64 -18.91 -11.14
C ALA A 1 17.91 -18.50 -9.87
N THR A 2 17.43 -17.25 -9.88
CA THR A 2 16.70 -16.71 -8.74
C THR A 2 15.28 -16.36 -9.17
N PRO A 3 14.43 -16.03 -8.20
CA PRO A 3 13.06 -15.69 -8.50
C PRO A 3 12.89 -14.49 -9.41
N HIS A 4 13.92 -13.65 -9.50
CA HIS A 4 13.82 -12.49 -10.35
C HIS A 4 14.88 -12.44 -11.45
N ILE A 5 15.78 -13.40 -11.43
CA ILE A 5 16.85 -13.44 -12.42
C ILE A 5 17.01 -14.80 -13.07
N ASN A 6 16.80 -14.84 -14.38
CA ASN A 6 16.91 -16.08 -15.13
C ASN A 6 18.31 -16.24 -15.71
N ALA A 7 19.28 -16.34 -14.81
CA ALA A 7 20.68 -16.49 -15.16
C ALA A 7 21.34 -17.51 -14.27
N GLU A 8 22.59 -17.81 -14.56
CA GLU A 8 23.32 -18.79 -13.76
C GLU A 8 24.66 -18.27 -13.31
N MET A 9 25.18 -18.87 -12.26
CA MET A 9 26.48 -18.50 -11.70
C MET A 9 27.53 -18.47 -12.80
N GLY A 10 28.06 -17.28 -13.07
CA GLY A 10 29.06 -17.14 -14.10
C GLY A 10 28.59 -16.20 -15.18
N ASP A 11 27.29 -16.03 -15.30
CA ASP A 11 26.76 -15.16 -16.32
C ASP A 11 27.05 -13.71 -16.04
N PHE A 12 27.22 -13.40 -14.75
CA PHE A 12 27.49 -12.06 -14.33
C PHE A 12 28.94 -11.88 -13.93
N ALA A 13 29.43 -10.66 -14.17
CA ALA A 13 30.80 -10.34 -13.85
C ALA A 13 30.84 -9.99 -12.36
N ASP A 14 32.03 -9.76 -11.83
CA ASP A 14 32.15 -9.43 -10.42
C ASP A 14 31.64 -8.03 -10.12
N VAL A 15 31.62 -7.18 -11.14
CA VAL A 15 31.14 -5.82 -10.98
C VAL A 15 29.97 -5.54 -11.92
N VAL A 16 28.95 -4.89 -11.39
CA VAL A 16 27.79 -4.58 -12.19
C VAL A 16 27.35 -3.13 -12.19
N LEU A 17 27.06 -2.62 -13.39
CA LEU A 17 26.61 -1.26 -13.58
C LEU A 17 25.10 -1.36 -13.55
N MET A 18 24.44 -0.52 -12.77
CA MET A 18 23.00 -0.61 -12.70
C MET A 18 22.24 0.69 -12.80
N PRO A 19 21.51 0.81 -13.90
CA PRO A 19 20.72 2.00 -14.16
C PRO A 19 19.31 1.59 -13.75
N GLY A 20 18.42 2.55 -13.57
CA GLY A 20 17.07 2.20 -13.19
C GLY A 20 16.27 1.68 -14.39
N ASP A 21 16.60 2.22 -15.57
CA ASP A 21 15.96 1.87 -16.81
C ASP A 21 16.65 0.70 -17.50
N PRO A 22 15.89 -0.38 -17.73
CA PRO A 22 16.43 -1.54 -18.40
C PRO A 22 16.87 -1.19 -19.82
N LEU A 23 16.17 -0.21 -20.39
CA LEU A 23 16.45 0.26 -21.73
C LEU A 23 17.80 0.97 -21.80
N ARG A 24 18.19 1.56 -20.66
CA ARG A 24 19.45 2.27 -20.57
C ARG A 24 20.60 1.28 -20.46
N ALA A 25 20.30 0.12 -19.90
CA ALA A 25 21.29 -0.94 -19.73
C ALA A 25 21.61 -1.52 -21.10
N LYS A 26 20.56 -1.60 -21.92
CA LYS A 26 20.67 -2.13 -23.26
C LYS A 26 21.56 -1.19 -24.06
N TYR A 27 21.30 0.10 -23.88
CA TYR A 27 22.04 1.14 -24.55
C TYR A 27 23.52 1.07 -24.16
N ILE A 28 23.75 0.96 -22.86
CA ILE A 28 25.10 0.88 -22.36
C ILE A 28 25.85 -0.30 -22.96
N ALA A 29 25.21 -1.45 -22.92
CA ALA A 29 25.77 -2.68 -23.43
C ALA A 29 26.11 -2.64 -24.91
N GLU A 30 25.23 -2.04 -25.69
CA GLU A 30 25.45 -1.94 -27.13
C GLU A 30 26.37 -0.83 -27.56
N THR A 31 26.51 0.20 -26.73
CA THR A 31 27.36 1.31 -27.06
C THR A 31 28.73 1.31 -26.42
N PHE A 32 28.85 0.73 -25.24
CA PHE A 32 30.13 0.71 -24.58
C PHE A 32 30.81 -0.64 -24.43
N LEU A 33 30.03 -1.70 -24.40
CA LEU A 33 30.61 -3.03 -24.27
C LEU A 33 30.92 -3.71 -25.59
N GLU A 34 31.77 -4.74 -25.49
CA GLU A 34 32.18 -5.52 -26.63
C GLU A 34 31.69 -6.93 -26.50
N ASP A 35 31.08 -7.47 -27.55
CA ASP A 35 30.58 -8.83 -27.49
C ASP A 35 29.67 -9.05 -26.31
N ALA A 36 28.73 -8.11 -26.13
CA ALA A 36 27.79 -8.21 -25.03
C ALA A 36 26.67 -9.20 -25.31
N ARG A 37 26.28 -9.93 -24.26
CA ARG A 37 25.23 -10.91 -24.37
C ARG A 37 24.18 -10.75 -23.28
N GLU A 38 22.92 -10.88 -23.68
CA GLU A 38 21.77 -10.76 -22.78
C GLU A 38 21.76 -11.91 -21.80
N VAL A 39 21.86 -11.60 -20.50
CA VAL A 39 21.87 -12.64 -19.47
C VAL A 39 20.60 -12.73 -18.66
N ASN A 40 19.69 -11.79 -18.85
CA ASN A 40 18.43 -11.80 -18.12
C ASN A 40 17.37 -10.97 -18.79
N ASN A 41 16.13 -11.45 -18.73
CA ASN A 41 15.00 -10.76 -19.32
C ASN A 41 13.74 -10.85 -18.49
N VAL A 42 13.81 -11.57 -17.37
CA VAL A 42 12.64 -11.71 -16.51
C VAL A 42 12.09 -10.33 -16.18
N ARG A 43 10.76 -10.20 -16.26
CA ARG A 43 10.09 -8.94 -15.97
C ARG A 43 10.53 -7.80 -16.87
N GLY A 44 11.31 -8.12 -17.89
CA GLY A 44 11.79 -7.12 -18.82
C GLY A 44 13.00 -6.38 -18.28
N MET A 45 13.49 -6.84 -17.13
CA MET A 45 14.66 -6.24 -16.47
C MET A 45 15.93 -6.73 -17.12
N LEU A 46 16.19 -6.15 -18.28
CA LEU A 46 17.38 -6.48 -19.08
C LEU A 46 18.70 -6.45 -18.36
N GLY A 47 19.48 -7.50 -18.56
CA GLY A 47 20.79 -7.66 -17.96
C GLY A 47 21.76 -8.17 -19.02
N PHE A 48 22.92 -7.51 -19.15
CA PHE A 48 23.90 -7.93 -20.12
C PHE A 48 25.28 -8.10 -19.53
N THR A 49 26.11 -8.85 -20.25
CA THR A 49 27.48 -9.12 -19.86
C THR A 49 28.38 -9.03 -21.08
N GLY A 50 29.30 -8.08 -21.03
CA GLY A 50 30.23 -7.86 -22.11
C GLY A 50 31.63 -7.60 -21.60
N THR A 51 32.40 -6.88 -22.40
CA THR A 51 33.75 -6.55 -22.05
C THR A 51 34.06 -5.08 -22.33
N TYR A 52 34.84 -4.50 -21.43
CA TYR A 52 35.26 -3.10 -21.53
C TYR A 52 36.77 -3.01 -21.39
N LYS A 53 37.44 -2.66 -22.48
CA LYS A 53 38.88 -2.54 -22.47
C LYS A 53 39.53 -3.81 -21.92
N GLY A 54 38.97 -4.95 -22.31
CA GLY A 54 39.43 -6.26 -21.90
C GLY A 54 38.81 -6.74 -20.60
N ARG A 55 38.19 -5.82 -19.88
CA ARG A 55 37.55 -6.12 -18.61
C ARG A 55 36.12 -6.61 -18.73
N LYS A 56 35.85 -7.76 -18.11
CA LYS A 56 34.54 -8.37 -18.11
C LYS A 56 33.62 -7.54 -17.21
N ILE A 57 32.49 -7.10 -17.76
CA ILE A 57 31.55 -6.30 -16.98
C ILE A 57 30.11 -6.53 -17.36
N SER A 58 29.23 -6.37 -16.37
CA SER A 58 27.82 -6.56 -16.57
C SER A 58 27.05 -5.26 -16.38
N VAL A 59 25.84 -5.23 -16.93
CA VAL A 59 24.95 -4.10 -16.85
C VAL A 59 23.53 -4.62 -16.72
N MET A 60 22.81 -4.10 -15.73
CA MET A 60 21.43 -4.53 -15.51
C MET A 60 20.57 -3.48 -14.82
N GLY A 61 19.32 -3.35 -15.26
CA GLY A 61 18.40 -2.39 -14.67
C GLY A 61 17.97 -2.84 -13.28
N HIS A 62 17.62 -1.88 -12.41
CA HIS A 62 17.19 -2.23 -11.07
C HIS A 62 15.76 -1.81 -10.75
N GLY A 63 15.10 -1.13 -11.69
CA GLY A 63 13.73 -0.67 -11.49
C GLY A 63 13.72 0.62 -10.65
N MET A 64 12.53 1.16 -10.44
CA MET A 64 12.37 2.38 -9.66
C MET A 64 12.00 2.15 -8.20
N GLY A 65 12.73 2.84 -7.30
CA GLY A 65 12.47 2.71 -5.86
C GLY A 65 13.36 1.74 -5.12
N ILE A 66 13.47 2.00 -3.81
CA ILE A 66 14.27 1.19 -2.90
C ILE A 66 13.88 -0.29 -2.86
N PRO A 67 12.58 -0.58 -2.79
CA PRO A 67 12.13 -1.96 -2.74
C PRO A 67 12.48 -2.76 -3.99
N SER A 68 12.51 -2.08 -5.12
CA SER A 68 12.84 -2.72 -6.37
C SER A 68 14.31 -3.08 -6.44
N CYS A 69 15.14 -2.05 -6.36
CA CYS A 69 16.59 -2.22 -6.43
C CYS A 69 17.12 -3.12 -5.32
N SER A 70 16.41 -3.15 -4.20
CA SER A 70 16.82 -3.97 -3.08
C SER A 70 16.79 -5.44 -3.42
N ILE A 71 15.80 -5.83 -4.19
CA ILE A 71 15.63 -7.21 -4.61
C ILE A 71 16.75 -7.65 -5.54
N TYR A 72 16.98 -6.86 -6.59
CA TYR A 72 18.02 -7.17 -7.55
C TYR A 72 19.41 -7.21 -6.98
N THR A 73 19.79 -6.18 -6.21
CA THR A 73 21.11 -6.12 -5.63
C THR A 73 21.38 -7.28 -4.71
N LYS A 74 20.37 -7.68 -3.95
CA LYS A 74 20.53 -8.79 -3.03
C LYS A 74 20.81 -10.10 -3.75
N GLU A 75 19.97 -10.40 -4.73
CA GLU A 75 20.13 -11.63 -5.51
C GLU A 75 21.47 -11.69 -6.21
N LEU A 76 21.92 -10.55 -6.74
CA LEU A 76 23.19 -10.48 -7.43
C LEU A 76 24.34 -10.85 -6.51
N ILE A 77 24.34 -10.27 -5.31
CA ILE A 77 25.36 -10.50 -4.32
C ILE A 77 25.37 -11.91 -3.79
N THR A 78 24.19 -12.40 -3.42
CA THR A 78 24.05 -13.74 -2.88
C THR A 78 24.10 -14.91 -3.86
N ASP A 79 23.57 -14.76 -5.06
CA ASP A 79 23.60 -15.87 -5.99
C ASP A 79 24.47 -15.74 -7.23
N PHE A 80 25.00 -14.57 -7.51
CA PHE A 80 25.82 -14.40 -8.68
C PHE A 80 27.26 -14.00 -8.40
N GLY A 81 27.63 -13.99 -7.13
CA GLY A 81 28.98 -13.63 -6.73
C GLY A 81 29.39 -12.20 -7.06
N VAL A 82 28.41 -11.30 -7.19
CA VAL A 82 28.73 -9.92 -7.50
C VAL A 82 29.39 -9.27 -6.30
N LYS A 83 30.50 -8.60 -6.54
CA LYS A 83 31.24 -7.94 -5.47
C LYS A 83 31.11 -6.44 -5.44
N LYS A 84 30.96 -5.84 -6.61
CA LYS A 84 30.83 -4.41 -6.69
C LYS A 84 29.65 -3.98 -7.52
N ILE A 85 28.92 -3.01 -6.98
CA ILE A 85 27.75 -2.49 -7.66
C ILE A 85 27.84 -0.99 -7.85
N ILE A 86 27.70 -0.57 -9.10
CA ILE A 86 27.76 0.84 -9.42
C ILE A 86 26.47 1.31 -10.05
N ARG A 87 25.69 2.06 -9.29
CA ARG A 87 24.45 2.57 -9.79
C ARG A 87 24.71 3.82 -10.61
N VAL A 88 24.13 3.85 -11.80
CA VAL A 88 24.25 4.96 -12.72
C VAL A 88 22.86 5.43 -13.09
N GLY A 89 22.36 6.43 -12.38
CA GLY A 89 21.03 6.94 -12.66
C GLY A 89 20.95 8.44 -12.80
N SER A 90 19.74 8.92 -12.70
CA SER A 90 19.41 10.32 -12.79
C SER A 90 18.92 10.84 -11.45
N CYS A 91 18.83 12.16 -11.34
CA CYS A 91 18.37 12.79 -10.13
C CYS A 91 17.93 14.21 -10.36
N GLY A 92 17.12 14.71 -9.43
CA GLY A 92 16.61 16.06 -9.50
C GLY A 92 17.47 16.95 -8.61
N ALA A 93 17.80 18.14 -9.08
CA ALA A 93 18.61 19.06 -8.31
C ALA A 93 17.80 20.04 -7.50
N VAL A 94 18.31 20.37 -6.32
CA VAL A 94 17.66 21.30 -5.42
C VAL A 94 18.48 22.59 -5.25
N LEU A 95 19.81 22.44 -5.30
CA LEU A 95 20.73 23.56 -5.17
C LEU A 95 20.65 24.45 -6.39
N PRO A 96 20.68 25.76 -6.17
CA PRO A 96 20.62 26.73 -7.25
C PRO A 96 21.81 26.61 -8.20
N HIS A 97 22.99 26.43 -7.61
CA HIS A 97 24.23 26.31 -8.35
C HIS A 97 24.41 24.97 -9.05
N VAL A 98 23.52 24.04 -8.77
CA VAL A 98 23.61 22.72 -9.39
C VAL A 98 22.84 22.70 -10.70
N LYS A 99 23.58 22.94 -11.78
CA LYS A 99 23.04 22.96 -13.12
C LYS A 99 22.76 21.57 -13.66
N LEU A 100 21.95 21.51 -14.70
CA LEU A 100 21.57 20.27 -15.35
C LEU A 100 22.73 19.56 -16.01
N ARG A 101 22.53 18.26 -16.25
CA ARG A 101 23.54 17.44 -16.87
C ARG A 101 24.78 17.24 -16.00
N ASP A 102 24.77 17.90 -14.86
CA ASP A 102 25.89 17.79 -13.93
C ASP A 102 26.00 16.36 -13.42
N VAL A 103 27.21 15.97 -13.06
CA VAL A 103 27.45 14.64 -12.55
C VAL A 103 27.69 14.68 -11.05
N VAL A 104 26.86 13.94 -10.32
CA VAL A 104 26.97 13.90 -8.87
C VAL A 104 27.34 12.51 -8.34
N ILE A 105 28.28 12.49 -7.41
CA ILE A 105 28.73 11.25 -6.80
C ILE A 105 28.17 11.14 -5.39
N GLY A 106 27.34 10.12 -5.17
CA GLY A 106 26.73 9.89 -3.88
C GLY A 106 27.60 9.21 -2.83
N MET A 107 28.33 10.01 -2.08
CA MET A 107 29.20 9.48 -1.03
C MET A 107 28.34 8.98 0.12
N GLY A 108 27.19 9.64 0.29
CA GLY A 108 26.24 9.30 1.33
C GLY A 108 24.83 9.43 0.78
N ALA A 109 23.86 8.84 1.46
CA ALA A 109 22.49 8.93 1.00
C ALA A 109 21.44 9.02 2.10
N CYS A 110 20.75 10.17 2.12
CA CYS A 110 19.73 10.40 3.10
C CYS A 110 18.47 9.69 2.57
N THR A 111 17.43 9.58 3.38
CA THR A 111 16.23 8.91 2.90
C THR A 111 15.04 9.08 3.83
N ASP A 112 13.87 8.90 3.26
CA ASP A 112 12.62 9.01 4.00
C ASP A 112 11.95 7.63 4.10
N SER A 113 12.74 6.64 3.67
CA SER A 113 12.29 5.25 3.69
C SER A 113 12.51 4.70 5.11
N LYS A 114 11.79 3.65 5.45
CA LYS A 114 11.92 3.05 6.77
C LYS A 114 12.81 1.80 6.76
N VAL A 115 13.30 1.42 5.60
CA VAL A 115 14.15 0.23 5.48
C VAL A 115 15.36 0.12 6.39
N ASN A 116 16.17 1.19 6.48
CA ASN A 116 17.36 1.14 7.32
C ASN A 116 17.01 1.09 8.81
N ARG A 117 15.88 1.70 9.17
CA ARG A 117 15.46 1.72 10.55
C ARG A 117 15.06 0.33 10.96
N ILE A 118 14.53 -0.44 10.01
CA ILE A 118 14.11 -1.79 10.27
C ILE A 118 15.33 -2.68 10.53
N ARG A 119 16.42 -2.39 9.82
CA ARG A 119 17.65 -3.14 9.98
C ARG A 119 18.50 -2.65 11.15
N PHE A 120 18.42 -1.35 11.42
CA PHE A 120 19.16 -0.72 12.49
C PHE A 120 18.48 -0.43 13.82
N LYS A 121 17.56 -1.30 14.25
CA LYS A 121 16.86 -1.12 15.49
C LYS A 121 16.23 0.25 15.67
N ASP A 122 15.79 0.83 14.58
CA ASP A 122 15.15 2.15 14.63
C ASP A 122 16.09 3.29 14.92
N HIS A 123 17.38 3.07 14.72
CA HIS A 123 18.37 4.12 14.97
C HIS A 123 18.74 4.76 13.63
N ASP A 124 19.74 5.63 13.67
CA ASP A 124 20.16 6.28 12.45
C ASP A 124 21.33 5.57 11.77
N PHE A 125 21.03 4.91 10.66
CA PHE A 125 22.07 4.18 9.92
C PHE A 125 22.54 5.08 8.79
N ALA A 126 23.82 5.46 8.84
CA ALA A 126 24.39 6.32 7.81
C ALA A 126 24.70 5.52 6.55
N ALA A 127 23.83 5.63 5.55
CA ALA A 127 24.02 4.90 4.30
C ALA A 127 25.14 5.51 3.47
N ILE A 128 26.30 4.84 3.48
CA ILE A 128 27.43 5.32 2.72
C ILE A 128 27.97 4.35 1.70
N ALA A 129 28.69 4.93 0.73
CA ALA A 129 29.29 4.17 -0.35
C ALA A 129 30.67 3.69 0.08
N ASP A 130 31.31 2.89 -0.77
CA ASP A 130 32.63 2.39 -0.47
C ASP A 130 33.62 3.51 -0.75
N PHE A 131 34.49 3.81 0.21
CA PHE A 131 35.46 4.86 0.01
C PHE A 131 36.29 4.73 -1.27
N ASP A 132 36.92 3.57 -1.43
CA ASP A 132 37.73 3.33 -2.62
C ASP A 132 36.98 3.62 -3.90
N MET A 133 35.75 3.12 -3.97
CA MET A 133 34.91 3.32 -5.14
C MET A 133 34.65 4.80 -5.40
N VAL A 134 34.49 5.57 -4.33
CA VAL A 134 34.24 6.98 -4.49
C VAL A 134 35.47 7.64 -5.09
N ARG A 135 36.62 7.37 -4.47
CA ARG A 135 37.89 7.92 -4.92
C ARG A 135 38.17 7.56 -6.37
N ASN A 136 37.95 6.29 -6.72
CA ASN A 136 38.17 5.82 -8.08
C ASN A 136 37.36 6.66 -9.06
N ALA A 137 36.10 6.87 -8.72
CA ALA A 137 35.21 7.66 -9.55
C ALA A 137 35.66 9.10 -9.66
N VAL A 138 36.17 9.65 -8.56
CA VAL A 138 36.64 11.02 -8.54
C VAL A 138 37.82 11.22 -9.49
N ASP A 139 38.77 10.29 -9.44
CA ASP A 139 39.95 10.33 -10.29
C ASP A 139 39.60 10.13 -11.76
N ALA A 140 38.65 9.23 -12.00
CA ALA A 140 38.21 8.94 -13.35
C ALA A 140 37.63 10.19 -13.99
N ALA A 141 36.78 10.88 -13.25
CA ALA A 141 36.15 12.09 -13.74
C ALA A 141 37.20 13.14 -14.06
N LYS A 142 38.19 13.21 -13.18
CA LYS A 142 39.30 14.14 -13.31
C LYS A 142 40.07 13.89 -14.61
N ALA A 143 40.35 12.62 -14.87
CA ALA A 143 41.07 12.21 -16.05
C ALA A 143 40.30 12.48 -17.34
N LEU A 144 38.98 12.45 -17.25
CA LEU A 144 38.11 12.68 -18.40
C LEU A 144 37.75 14.14 -18.56
N GLY A 145 38.31 14.97 -17.68
CA GLY A 145 38.06 16.41 -17.72
C GLY A 145 36.63 16.76 -17.33
N ILE A 146 35.97 15.83 -16.64
CA ILE A 146 34.61 16.04 -16.21
C ILE A 146 34.50 16.48 -14.76
N ASP A 147 33.71 17.53 -14.55
CA ASP A 147 33.49 18.08 -13.23
C ASP A 147 32.48 17.19 -12.51
N ALA A 148 32.77 16.84 -11.26
CA ALA A 148 31.86 15.99 -10.52
C ALA A 148 31.81 16.34 -9.06
N ARG A 149 30.59 16.56 -8.57
CA ARG A 149 30.39 16.90 -7.16
C ARG A 149 30.19 15.65 -6.31
N VAL A 150 30.87 15.62 -5.18
CA VAL A 150 30.81 14.52 -4.24
C VAL A 150 30.10 14.99 -2.97
N GLY A 151 29.01 14.31 -2.61
CA GLY A 151 28.29 14.70 -1.41
C GLY A 151 27.16 13.76 -1.07
N ASN A 152 26.13 14.34 -0.45
CA ASN A 152 24.95 13.61 -0.04
C ASN A 152 23.82 13.66 -1.04
N LEU A 153 23.18 12.52 -1.17
CA LEU A 153 22.05 12.35 -2.06
C LEU A 153 20.86 12.10 -1.17
N PHE A 154 19.67 12.17 -1.72
CA PHE A 154 18.45 11.94 -0.97
C PHE A 154 17.60 10.90 -1.70
N SER A 155 17.47 9.72 -1.10
CA SER A 155 16.68 8.64 -1.68
C SER A 155 15.25 8.74 -1.22
N ALA A 156 14.37 9.21 -2.10
CA ALA A 156 12.97 9.36 -1.78
C ALA A 156 12.10 8.17 -2.16
N ASP A 157 11.04 7.99 -1.39
CA ASP A 157 10.11 6.90 -1.61
C ASP A 157 8.98 7.40 -2.51
N LEU A 158 8.70 8.70 -2.36
CA LEU A 158 7.66 9.38 -3.10
C LEU A 158 8.21 10.41 -4.08
N PHE A 159 8.11 10.09 -5.36
CA PHE A 159 8.57 10.95 -6.43
C PHE A 159 7.71 12.21 -6.37
N TYR A 160 6.43 11.96 -6.15
CA TYR A 160 5.40 12.97 -6.04
C TYR A 160 5.09 13.16 -4.55
N SER A 161 6.01 13.82 -3.87
CA SER A 161 5.90 14.09 -2.45
C SER A 161 4.85 15.13 -2.09
N PRO A 162 4.13 14.85 -1.01
CA PRO A 162 3.10 15.75 -0.54
C PRO A 162 3.71 16.85 0.32
N ASP A 163 4.94 16.63 0.74
CA ASP A 163 5.67 17.56 1.57
C ASP A 163 6.67 18.40 0.79
N GLY A 164 6.20 19.52 0.27
CA GLY A 164 7.04 20.43 -0.51
C GLY A 164 8.09 21.11 0.33
N GLU A 165 7.77 21.39 1.59
CA GLU A 165 8.72 22.05 2.46
C GLU A 165 10.00 21.25 2.66
N MET A 166 9.91 19.93 2.47
CA MET A 166 11.06 19.06 2.62
C MET A 166 12.20 19.49 1.70
N PHE A 167 11.85 20.08 0.56
CA PHE A 167 12.87 20.53 -0.39
C PHE A 167 13.75 21.63 0.18
N ASP A 168 13.16 22.51 0.95
CA ASP A 168 13.89 23.61 1.58
C ASP A 168 14.90 23.06 2.57
N VAL A 169 14.50 21.97 3.25
CA VAL A 169 15.35 21.32 4.23
C VAL A 169 16.52 20.65 3.55
N MET A 170 16.26 20.04 2.40
CA MET A 170 17.30 19.36 1.64
C MET A 170 18.31 20.39 1.16
N GLU A 171 17.77 21.51 0.68
CA GLU A 171 18.57 22.60 0.17
C GLU A 171 19.49 23.14 1.27
N LYS A 172 18.91 23.37 2.45
CA LYS A 172 19.65 23.89 3.57
C LYS A 172 20.80 22.98 3.94
N TYR A 173 20.55 21.66 3.88
CA TYR A 173 21.56 20.67 4.22
C TYR A 173 22.57 20.33 3.12
N GLY A 174 22.43 21.03 2.00
CA GLY A 174 23.29 20.85 0.86
C GLY A 174 23.14 19.56 0.09
N ILE A 175 21.95 18.96 0.04
CA ILE A 175 21.84 17.73 -0.72
C ILE A 175 22.03 18.00 -2.21
N LEU A 176 22.93 17.25 -2.82
CA LEU A 176 23.25 17.36 -4.22
C LEU A 176 22.18 16.94 -5.19
N GLY A 177 21.45 15.87 -4.87
CA GLY A 177 20.41 15.44 -5.78
C GLY A 177 19.43 14.50 -5.14
N VAL A 178 18.24 14.49 -5.71
CA VAL A 178 17.19 13.64 -5.18
C VAL A 178 16.83 12.54 -6.16
N GLU A 179 17.06 11.31 -5.70
CA GLU A 179 16.78 10.13 -6.50
C GLU A 179 15.92 9.16 -5.69
N MET A 180 15.92 7.88 -6.04
CA MET A 180 15.09 6.94 -5.29
C MET A 180 15.69 5.59 -4.94
N GLU A 181 17.01 5.45 -4.88
CA GLU A 181 17.49 4.12 -4.54
C GLU A 181 18.84 3.99 -3.84
N ALA A 182 19.68 5.00 -3.91
CA ALA A 182 20.97 4.96 -3.28
C ALA A 182 21.00 4.38 -1.87
N ALA A 183 20.21 4.95 -0.98
CA ALA A 183 20.14 4.50 0.42
C ALA A 183 19.80 3.04 0.57
N GLY A 184 18.98 2.53 -0.34
CA GLY A 184 18.57 1.13 -0.31
C GLY A 184 19.74 0.23 -0.71
N ILE A 185 20.42 0.66 -1.76
CA ILE A 185 21.56 -0.09 -2.26
C ILE A 185 22.67 -0.13 -1.22
N TYR A 186 22.92 1.01 -0.59
CA TYR A 186 23.94 1.10 0.44
C TYR A 186 23.63 0.21 1.62
N GLY A 187 22.34 0.13 1.96
CA GLY A 187 21.90 -0.70 3.08
C GLY A 187 22.12 -2.17 2.78
N VAL A 188 21.80 -2.59 1.57
CA VAL A 188 21.96 -3.99 1.15
C VAL A 188 23.44 -4.38 1.14
N ALA A 189 24.26 -3.52 0.58
CA ALA A 189 25.69 -3.76 0.49
C ALA A 189 26.30 -4.01 1.87
N ALA A 190 25.87 -3.21 2.85
CA ALA A 190 26.36 -3.34 4.20
C ALA A 190 25.85 -4.61 4.85
N GLU A 191 24.60 -4.95 4.56
CA GLU A 191 23.99 -6.12 5.11
C GLU A 191 24.58 -7.40 4.54
N PHE A 192 24.90 -7.37 3.25
CA PHE A 192 25.46 -8.53 2.59
C PHE A 192 26.96 -8.44 2.35
N GLY A 193 27.58 -7.44 2.95
CA GLY A 193 29.00 -7.21 2.84
C GLY A 193 29.52 -7.12 1.42
N ALA A 194 29.09 -6.09 0.71
CA ALA A 194 29.48 -5.85 -0.65
C ALA A 194 29.89 -4.40 -0.79
N LYS A 195 30.42 -4.01 -1.93
CA LYS A 195 30.83 -2.64 -2.14
C LYS A 195 29.91 -1.97 -3.13
N ALA A 196 29.48 -0.76 -2.82
CA ALA A 196 28.59 -0.06 -3.72
C ALA A 196 28.89 1.42 -3.85
N LEU A 197 28.34 2.01 -4.89
CA LEU A 197 28.50 3.40 -5.18
C LEU A 197 27.44 3.90 -6.13
N THR A 198 27.00 5.14 -5.95
CA THR A 198 25.98 5.67 -6.84
C THR A 198 26.40 6.99 -7.44
N ILE A 199 26.28 7.04 -8.77
CA ILE A 199 26.61 8.18 -9.57
C ILE A 199 25.34 8.62 -10.27
N CYS A 200 25.09 9.92 -10.33
CA CYS A 200 23.90 10.41 -10.99
C CYS A 200 24.15 11.61 -11.87
N THR A 201 23.23 11.79 -12.81
CA THR A 201 23.25 12.89 -13.78
C THR A 201 22.02 13.72 -13.51
N VAL A 202 22.21 15.00 -13.28
CA VAL A 202 21.06 15.86 -13.01
C VAL A 202 20.15 15.88 -14.23
N SER A 203 18.98 15.25 -14.10
CA SER A 203 18.01 15.18 -15.19
C SER A 203 16.87 16.17 -15.07
N ASP A 204 16.89 16.96 -14.01
CA ASP A 204 15.85 17.95 -13.82
C ASP A 204 16.07 18.79 -12.57
N HIS A 205 15.42 19.94 -12.54
CA HIS A 205 15.53 20.85 -11.41
C HIS A 205 14.18 21.01 -10.73
N ILE A 206 14.12 20.55 -9.49
CA ILE A 206 12.90 20.63 -8.72
C ILE A 206 12.44 22.09 -8.58
N ARG A 207 13.41 22.99 -8.56
CA ARG A 207 13.13 24.40 -8.43
C ARG A 207 12.69 25.06 -9.72
N THR A 208 13.53 24.93 -10.76
CA THR A 208 13.22 25.53 -12.04
C THR A 208 12.24 24.75 -12.89
N HIS A 209 12.34 23.42 -12.85
CA HIS A 209 11.48 22.53 -13.61
C HIS A 209 11.98 22.29 -15.03
N GLU A 210 13.31 22.25 -15.16
CA GLU A 210 13.97 22.03 -16.44
C GLU A 210 14.21 20.55 -16.68
N GLN A 211 13.16 19.74 -16.69
CA GLN A 211 13.37 18.32 -16.91
C GLN A 211 13.70 17.91 -18.33
N THR A 212 14.53 16.88 -18.45
CA THR A 212 14.95 16.36 -19.74
C THR A 212 13.93 15.34 -20.23
N THR A 213 14.09 14.88 -21.47
CA THR A 213 13.17 13.91 -22.04
C THR A 213 13.53 12.46 -21.71
N ALA A 214 12.57 11.56 -21.96
CA ALA A 214 12.77 10.14 -21.70
C ALA A 214 13.90 9.60 -22.58
N ALA A 215 13.79 9.87 -23.89
CA ALA A 215 14.78 9.43 -24.84
C ALA A 215 16.13 9.93 -24.36
N GLU A 216 16.10 11.14 -23.79
CA GLU A 216 17.31 11.73 -23.28
C GLU A 216 17.90 10.77 -22.26
N ARG A 217 17.33 10.79 -21.06
CA ARG A 217 17.74 9.95 -19.94
C ARG A 217 18.09 8.52 -20.33
N GLN A 218 17.43 8.05 -21.38
CA GLN A 218 17.64 6.70 -21.88
C GLN A 218 18.91 6.47 -22.68
N THR A 219 19.44 7.50 -23.36
CA THR A 219 20.66 7.29 -24.12
C THR A 219 21.63 8.47 -24.14
N THR A 220 21.26 9.57 -23.51
CA THR A 220 22.10 10.77 -23.48
C THR A 220 23.22 10.86 -22.43
N PHE A 221 23.00 10.32 -21.23
CA PHE A 221 24.02 10.35 -20.19
C PHE A 221 25.25 9.48 -20.38
N ASN A 222 26.10 9.84 -21.34
CA ASN A 222 27.31 9.06 -21.60
C ASN A 222 28.44 9.38 -20.64
N ASP A 223 28.54 10.64 -20.28
CA ASP A 223 29.57 11.08 -19.37
C ASP A 223 29.66 10.26 -18.09
N MET A 224 28.52 10.11 -17.42
CA MET A 224 28.50 9.34 -16.20
C MET A 224 28.87 7.88 -16.45
N ILE A 225 28.53 7.40 -17.65
CA ILE A 225 28.84 6.02 -18.01
C ILE A 225 30.35 5.82 -18.09
N LYS A 226 31.00 6.75 -18.78
CA LYS A 226 32.44 6.70 -18.96
C LYS A 226 33.13 6.67 -17.60
N ILE A 227 32.74 7.61 -16.74
CA ILE A 227 33.30 7.70 -15.41
C ILE A 227 33.23 6.37 -14.69
N ALA A 228 32.02 5.78 -14.69
CA ALA A 228 31.79 4.51 -14.05
C ALA A 228 32.69 3.44 -14.60
N LEU A 229 32.70 3.32 -15.93
CA LEU A 229 33.52 2.32 -16.60
C LEU A 229 35.00 2.48 -16.26
N GLU A 230 35.49 3.70 -16.44
CA GLU A 230 36.88 4.02 -16.17
C GLU A 230 37.25 3.80 -14.72
N SER A 231 36.29 4.09 -13.83
CA SER A 231 36.51 3.92 -12.40
C SER A 231 36.78 2.47 -12.02
N VAL A 232 36.15 1.57 -12.76
CA VAL A 232 36.32 0.14 -12.52
C VAL A 232 37.75 -0.30 -12.79
N LEU A 233 38.28 0.17 -13.93
CA LEU A 233 39.63 -0.16 -14.32
C LEU A 233 40.62 0.29 -13.25
N LEU A 234 40.38 1.48 -12.71
CA LEU A 234 41.26 2.03 -11.68
C LEU A 234 41.28 1.11 -10.46
N GLY A 235 40.10 0.64 -10.07
CA GLY A 235 39.95 -0.24 -8.94
C GLY A 235 40.69 -1.54 -9.14
N ASP A 236 40.84 -1.93 -10.39
CA ASP A 236 41.53 -3.16 -10.72
C ASP A 236 43.02 -3.01 -10.50
N LYS A 237 43.57 -1.90 -11.01
CA LYS A 237 44.99 -1.60 -10.88
C LYS A 237 45.34 -1.31 -9.43
N ALA B 1 -17.54 -14.94 35.55
CA ALA B 1 -17.55 -13.49 35.51
C ALA B 1 -16.15 -12.91 35.30
N THR B 2 -16.11 -11.63 34.90
CA THR B 2 -14.85 -10.94 34.67
C THR B 2 -14.75 -9.73 35.56
N PRO B 3 -13.55 -9.15 35.60
CA PRO B 3 -13.31 -7.98 36.42
C PRO B 3 -14.24 -6.83 36.06
N HIS B 4 -14.77 -6.84 34.83
CA HIS B 4 -15.65 -5.77 34.40
C HIS B 4 -17.06 -6.20 34.03
N ILE B 5 -17.30 -7.51 33.95
CA ILE B 5 -18.62 -8.01 33.59
C ILE B 5 -19.12 -9.07 34.57
N ASN B 6 -20.16 -8.71 35.32
CA ASN B 6 -20.76 -9.60 36.31
C ASN B 6 -21.77 -10.57 35.72
N ALA B 7 -21.31 -11.41 34.83
CA ALA B 7 -22.16 -12.38 34.19
C ALA B 7 -21.46 -13.70 34.00
N GLU B 8 -22.21 -14.69 33.51
CA GLU B 8 -21.68 -16.00 33.27
C GLU B 8 -21.83 -16.40 31.80
N MET B 9 -20.99 -17.33 31.37
CA MET B 9 -21.02 -17.80 29.99
C MET B 9 -22.43 -18.25 29.62
N GLY B 10 -22.95 -17.69 28.53
CA GLY B 10 -24.29 -18.03 28.08
C GLY B 10 -25.25 -16.86 28.28
N ASP B 11 -24.88 -15.95 29.17
CA ASP B 11 -25.72 -14.80 29.43
C ASP B 11 -25.77 -13.85 28.24
N PHE B 12 -24.73 -13.90 27.41
CA PHE B 12 -24.66 -13.06 26.23
C PHE B 12 -24.84 -13.85 24.96
N ALA B 13 -25.45 -13.23 23.97
CA ALA B 13 -25.68 -13.89 22.70
C ALA B 13 -24.36 -13.90 21.93
N ASP B 14 -24.35 -14.57 20.78
CA ASP B 14 -23.16 -14.65 19.96
C ASP B 14 -22.84 -13.31 19.31
N VAL B 15 -23.84 -12.44 19.25
CA VAL B 15 -23.67 -11.13 18.66
C VAL B 15 -24.16 -10.05 19.60
N VAL B 16 -23.38 -8.99 19.73
CA VAL B 16 -23.78 -7.93 20.62
C VAL B 16 -23.67 -6.55 20.02
N LEU B 17 -24.69 -5.75 20.29
CA LEU B 17 -24.77 -4.38 19.83
C LEU B 17 -24.17 -3.51 20.92
N MET B 18 -23.30 -2.58 20.54
CA MET B 18 -22.68 -1.74 21.55
C MET B 18 -22.68 -0.25 21.29
N PRO B 19 -23.45 0.47 22.09
CA PRO B 19 -23.51 1.90 21.95
C PRO B 19 -22.48 2.40 22.95
N GLY B 20 -22.10 3.67 22.89
CA GLY B 20 -21.12 4.17 23.83
C GLY B 20 -21.74 4.48 25.19
N ASP B 21 -22.95 5.06 25.16
CA ASP B 21 -23.69 5.42 26.35
C ASP B 21 -24.52 4.25 26.88
N PRO B 22 -24.25 3.87 28.14
CA PRO B 22 -24.98 2.78 28.76
C PRO B 22 -26.47 3.02 28.78
N LEU B 23 -26.85 4.28 28.89
CA LEU B 23 -28.26 4.63 28.92
C LEU B 23 -28.95 4.25 27.61
N ARG B 24 -28.19 4.34 26.52
CA ARG B 24 -28.72 3.99 25.21
C ARG B 24 -28.99 2.51 25.11
N ALA B 25 -28.18 1.72 25.81
CA ALA B 25 -28.32 0.27 25.83
C ALA B 25 -29.67 -0.16 26.39
N LYS B 26 -30.09 0.55 27.44
CA LYS B 26 -31.36 0.26 28.09
C LYS B 26 -32.51 0.61 27.14
N TYR B 27 -32.36 1.74 26.46
CA TYR B 27 -33.36 2.23 25.52
C TYR B 27 -33.58 1.22 24.41
N ILE B 28 -32.48 0.67 23.90
CA ILE B 28 -32.51 -0.29 22.83
C ILE B 28 -33.20 -1.58 23.24
N ALA B 29 -32.84 -2.07 24.42
CA ALA B 29 -33.42 -3.30 24.94
C ALA B 29 -34.90 -3.19 25.21
N GLU B 30 -35.33 -1.99 25.61
CA GLU B 30 -36.73 -1.76 25.90
C GLU B 30 -37.56 -1.49 24.67
N THR B 31 -36.97 -0.82 23.69
CA THR B 31 -37.61 -0.48 22.45
C THR B 31 -37.58 -1.51 21.34
N PHE B 32 -36.44 -2.17 21.13
CA PHE B 32 -36.40 -3.16 20.06
C PHE B 32 -36.35 -4.61 20.43
N LEU B 33 -35.92 -4.90 21.64
CA LEU B 33 -35.85 -6.30 22.08
C LEU B 33 -37.10 -6.84 22.72
N GLU B 34 -37.20 -8.16 22.69
CA GLU B 34 -38.33 -8.88 23.25
C GLU B 34 -37.85 -9.80 24.38
N ASP B 35 -38.62 -9.87 25.45
CA ASP B 35 -38.24 -10.72 26.58
C ASP B 35 -36.81 -10.49 27.03
N ALA B 36 -36.41 -9.22 27.07
CA ALA B 36 -35.08 -8.84 27.47
C ALA B 36 -34.85 -8.94 28.96
N ARG B 37 -33.59 -9.21 29.31
CA ARG B 37 -33.20 -9.33 30.71
C ARG B 37 -31.84 -8.73 30.94
N GLU B 38 -31.68 -8.09 32.09
CA GLU B 38 -30.42 -7.47 32.44
C GLU B 38 -29.38 -8.54 32.76
N VAL B 39 -28.16 -8.31 32.27
CA VAL B 39 -27.10 -9.29 32.51
C VAL B 39 -25.85 -8.66 33.11
N ASN B 40 -25.84 -7.34 33.21
CA ASN B 40 -24.70 -6.66 33.77
C ASN B 40 -25.00 -5.23 34.16
N ASN B 41 -24.39 -4.80 35.26
CA ASN B 41 -24.56 -3.45 35.78
C ASN B 41 -23.28 -2.89 36.40
N VAL B 42 -22.22 -3.69 36.39
CA VAL B 42 -20.95 -3.27 36.95
C VAL B 42 -20.51 -1.92 36.38
N ARG B 43 -20.15 -1.01 37.28
CA ARG B 43 -19.70 0.33 36.89
C ARG B 43 -20.77 1.09 36.13
N GLY B 44 -22.01 0.61 36.25
CA GLY B 44 -23.13 1.24 35.57
C GLY B 44 -23.17 0.92 34.08
N MET B 45 -22.31 0.00 33.62
CA MET B 45 -22.29 -0.37 32.21
C MET B 45 -23.32 -1.44 31.92
N LEU B 46 -24.57 -0.97 31.85
CA LEU B 46 -25.72 -1.84 31.61
C LEU B 46 -25.59 -2.74 30.38
N GLY B 47 -26.06 -3.98 30.56
CA GLY B 47 -26.04 -5.00 29.54
C GLY B 47 -27.33 -5.82 29.59
N PHE B 48 -27.86 -6.16 28.41
CA PHE B 48 -29.09 -6.93 28.34
C PHE B 48 -29.07 -7.96 27.22
N THR B 49 -29.95 -8.95 27.34
CA THR B 49 -30.08 -10.03 26.38
C THR B 49 -31.56 -10.26 26.12
N GLY B 50 -31.91 -10.36 24.84
CA GLY B 50 -33.29 -10.57 24.44
C GLY B 50 -33.34 -11.13 23.03
N THR B 51 -34.50 -11.01 22.40
CA THR B 51 -34.64 -11.50 21.05
C THR B 51 -35.23 -10.48 20.11
N TYR B 52 -34.87 -10.64 18.84
CA TYR B 52 -35.31 -9.79 17.76
C TYR B 52 -35.74 -10.69 16.61
N LYS B 53 -37.06 -10.85 16.47
CA LYS B 53 -37.61 -11.69 15.42
C LYS B 53 -37.18 -13.14 15.63
N GLY B 54 -37.14 -13.54 16.91
CA GLY B 54 -36.77 -14.88 17.32
C GLY B 54 -35.27 -15.07 17.50
N ARG B 55 -34.49 -14.10 17.00
CA ARG B 55 -33.05 -14.17 17.10
C ARG B 55 -32.51 -13.60 18.40
N LYS B 56 -31.62 -14.36 19.03
CA LYS B 56 -31.00 -13.96 20.28
C LYS B 56 -29.98 -12.84 20.04
N ILE B 57 -30.13 -11.75 20.77
CA ILE B 57 -29.22 -10.62 20.66
C ILE B 57 -28.93 -9.95 21.98
N SER B 58 -27.72 -9.42 22.11
CA SER B 58 -27.30 -8.74 23.33
C SER B 58 -26.95 -7.29 23.04
N VAL B 59 -27.10 -6.47 24.07
CA VAL B 59 -26.79 -5.05 23.95
C VAL B 59 -26.13 -4.56 25.22
N MET B 60 -25.01 -3.83 25.05
CA MET B 60 -24.29 -3.30 26.18
C MET B 60 -23.40 -2.12 25.81
N GLY B 61 -23.34 -1.15 26.72
CA GLY B 61 -22.52 0.04 26.51
C GLY B 61 -21.04 -0.28 26.52
N HIS B 62 -20.23 0.61 25.92
CA HIS B 62 -18.80 0.36 25.90
C HIS B 62 -17.95 1.48 26.52
N GLY B 63 -18.58 2.60 26.83
CA GLY B 63 -17.89 3.74 27.43
C GLY B 63 -17.23 4.57 26.31
N MET B 64 -16.46 5.58 26.69
CA MET B 64 -15.79 6.42 25.72
C MET B 64 -14.31 6.18 25.60
N GLY B 65 -13.83 6.10 24.34
CA GLY B 65 -12.42 5.87 24.09
C GLY B 65 -12.03 4.43 23.80
N ILE B 66 -10.91 4.31 23.10
CA ILE B 66 -10.36 3.02 22.73
C ILE B 66 -10.04 2.12 23.90
N PRO B 67 -9.42 2.67 24.93
CA PRO B 67 -9.07 1.88 26.09
C PRO B 67 -10.28 1.28 26.79
N SER B 68 -11.36 2.06 26.88
CA SER B 68 -12.56 1.58 27.53
C SER B 68 -13.20 0.44 26.73
N CYS B 69 -13.47 0.69 25.45
CA CYS B 69 -14.09 -0.30 24.60
C CYS B 69 -13.25 -1.55 24.41
N SER B 70 -11.92 -1.37 24.49
CA SER B 70 -10.99 -2.47 24.33
C SER B 70 -11.16 -3.50 25.42
N ILE B 71 -11.47 -3.01 26.61
CA ILE B 71 -11.66 -3.87 27.76
C ILE B 71 -12.91 -4.74 27.63
N TYR B 72 -14.03 -4.10 27.31
CA TYR B 72 -15.30 -4.81 27.16
C TYR B 72 -15.30 -5.79 26.00
N THR B 73 -14.86 -5.31 24.84
CA THR B 73 -14.82 -6.16 23.66
C THR B 73 -13.98 -7.40 23.89
N LYS B 74 -12.80 -7.21 24.50
CA LYS B 74 -11.91 -8.33 24.77
C LYS B 74 -12.59 -9.37 25.67
N GLU B 75 -13.14 -8.91 26.78
CA GLU B 75 -13.80 -9.80 27.71
C GLU B 75 -14.94 -10.58 27.07
N LEU B 76 -15.76 -9.89 26.31
CA LEU B 76 -16.90 -10.51 25.64
C LEU B 76 -16.45 -11.66 24.76
N ILE B 77 -15.44 -11.39 23.94
CA ILE B 77 -14.90 -12.40 23.05
C ILE B 77 -14.31 -13.59 23.75
N THR B 78 -13.32 -13.35 24.59
CA THR B 78 -12.66 -14.40 25.33
C THR B 78 -13.44 -15.16 26.40
N ASP B 79 -14.22 -14.44 27.20
CA ASP B 79 -14.98 -15.10 28.24
C ASP B 79 -16.46 -15.36 27.99
N PHE B 80 -17.05 -14.72 26.97
CA PHE B 80 -18.47 -14.94 26.71
C PHE B 80 -18.81 -15.59 25.39
N GLY B 81 -17.79 -15.96 24.62
CA GLY B 81 -17.98 -16.60 23.34
C GLY B 81 -18.63 -15.73 22.28
N VAL B 82 -18.51 -14.41 22.41
CA VAL B 82 -19.08 -13.50 21.44
C VAL B 82 -18.34 -13.59 20.11
N LYS B 83 -19.10 -13.73 19.03
CA LYS B 83 -18.52 -13.83 17.69
C LYS B 83 -18.57 -12.55 16.88
N LYS B 84 -19.64 -11.77 17.03
CA LYS B 84 -19.75 -10.54 16.30
C LYS B 84 -20.07 -9.35 17.19
N ILE B 85 -19.42 -8.25 16.87
CA ILE B 85 -19.60 -7.03 17.61
C ILE B 85 -19.95 -5.89 16.68
N ILE B 86 -21.05 -5.22 17.01
CA ILE B 86 -21.50 -4.11 16.22
C ILE B 86 -21.62 -2.84 17.05
N ARG B 87 -20.75 -1.90 16.76
CA ARG B 87 -20.77 -0.65 17.50
C ARG B 87 -21.71 0.34 16.81
N VAL B 88 -22.60 0.93 17.60
CA VAL B 88 -23.55 1.91 17.07
C VAL B 88 -23.40 3.20 17.84
N GLY B 89 -22.93 4.23 17.16
CA GLY B 89 -22.75 5.51 17.82
C GLY B 89 -22.86 6.69 16.89
N SER B 90 -22.35 7.80 17.40
CA SER B 90 -22.37 9.06 16.67
C SER B 90 -20.97 9.43 16.24
N CYS B 91 -20.90 10.36 15.32
CA CYS B 91 -19.62 10.82 14.81
C CYS B 91 -19.73 12.24 14.29
N GLY B 92 -18.57 12.89 14.16
CA GLY B 92 -18.50 14.25 13.67
C GLY B 92 -18.06 14.24 12.21
N ALA B 93 -18.68 15.07 11.40
CA ALA B 93 -18.32 15.13 10.00
C ALA B 93 -17.33 16.23 9.66
N VAL B 94 -16.46 15.91 8.71
CA VAL B 94 -15.43 16.84 8.25
C VAL B 94 -15.65 17.16 6.78
N LEU B 95 -16.28 16.21 6.07
CA LEU B 95 -16.57 16.33 4.66
C LEU B 95 -17.76 17.23 4.42
N PRO B 96 -17.57 18.19 3.53
CA PRO B 96 -18.61 19.15 3.18
C PRO B 96 -19.91 18.48 2.73
N HIS B 97 -19.79 17.46 1.88
CA HIS B 97 -20.96 16.75 1.37
C HIS B 97 -21.61 15.87 2.41
N VAL B 98 -20.88 15.53 3.46
CA VAL B 98 -21.40 14.69 4.52
C VAL B 98 -22.34 15.53 5.38
N LYS B 99 -23.63 15.25 5.29
CA LYS B 99 -24.62 15.96 6.04
C LYS B 99 -25.03 15.32 7.34
N LEU B 100 -25.59 16.16 8.21
CA LEU B 100 -26.05 15.73 9.52
C LEU B 100 -27.10 14.67 9.36
N ARG B 101 -27.18 13.77 10.35
CA ARG B 101 -28.17 12.71 10.31
C ARG B 101 -27.79 11.61 9.31
N ASP B 102 -26.71 11.82 8.58
CA ASP B 102 -26.23 10.85 7.61
C ASP B 102 -25.71 9.60 8.30
N VAL B 103 -25.88 8.44 7.65
CA VAL B 103 -25.40 7.18 8.21
C VAL B 103 -24.08 6.76 7.59
N VAL B 104 -23.08 6.52 8.45
CA VAL B 104 -21.78 6.12 7.99
C VAL B 104 -21.35 4.76 8.50
N ILE B 105 -20.80 3.96 7.58
CA ILE B 105 -20.32 2.62 7.87
C ILE B 105 -18.80 2.60 7.75
N GLY B 106 -18.13 2.28 8.85
CA GLY B 106 -16.69 2.24 8.88
C GLY B 106 -16.06 0.97 8.37
N MET B 107 -15.71 0.97 7.08
CA MET B 107 -15.09 -0.19 6.48
C MET B 107 -13.70 -0.33 7.10
N GLY B 108 -13.12 0.83 7.40
CA GLY B 108 -11.81 0.93 7.99
C GLY B 108 -11.82 2.05 9.04
N ALA B 109 -10.73 2.15 9.80
CA ALA B 109 -10.65 3.19 10.81
C ALA B 109 -9.24 3.67 11.10
N CYS B 110 -8.99 4.95 10.79
CA CYS B 110 -7.70 5.55 11.03
C CYS B 110 -7.63 5.91 12.51
N THR B 111 -6.45 6.30 13.00
CA THR B 111 -6.36 6.66 14.40
C THR B 111 -5.03 7.29 14.77
N ASP B 112 -5.07 8.02 15.89
CA ASP B 112 -3.92 8.70 16.44
C ASP B 112 -3.46 7.97 17.71
N SER B 113 -4.15 6.86 17.97
CA SER B 113 -3.85 6.05 19.15
C SER B 113 -2.62 5.21 18.83
N LYS B 114 -1.96 4.72 19.88
CA LYS B 114 -0.77 3.90 19.69
C LYS B 114 -1.03 2.42 19.89
N VAL B 115 -2.26 2.05 20.21
CA VAL B 115 -2.60 0.65 20.43
C VAL B 115 -2.22 -0.34 19.33
N ASN B 116 -2.53 -0.02 18.08
CA ASN B 116 -2.21 -0.92 16.98
C ASN B 116 -0.71 -1.00 16.70
N ARG B 117 0.02 0.05 17.02
CA ARG B 117 1.45 0.05 16.79
C ARG B 117 2.11 -0.89 17.78
N ILE B 118 1.55 -0.90 18.98
CA ILE B 118 2.08 -1.75 20.03
C ILE B 118 1.88 -3.22 19.65
N ARG B 119 0.76 -3.49 19.01
CA ARG B 119 0.41 -4.83 18.57
C ARG B 119 1.13 -5.26 17.30
N PHE B 120 1.27 -4.30 16.38
CA PHE B 120 1.91 -4.53 15.09
C PHE B 120 3.39 -4.20 14.93
N LYS B 121 4.20 -4.39 15.97
CA LYS B 121 5.62 -4.10 15.84
C LYS B 121 5.94 -2.72 15.30
N ASP B 122 5.12 -1.74 15.64
CA ASP B 122 5.34 -0.38 15.19
C ASP B 122 5.12 -0.12 13.72
N HIS B 123 4.48 -1.08 13.04
CA HIS B 123 4.20 -0.94 11.60
C HIS B 123 2.78 -0.41 11.41
N ASP B 124 2.33 -0.34 10.16
CA ASP B 124 0.99 0.15 9.89
C ASP B 124 -0.04 -0.95 9.79
N PHE B 125 -0.90 -1.05 10.80
CA PHE B 125 -1.93 -2.08 10.80
C PHE B 125 -3.23 -1.47 10.32
N ALA B 126 -3.77 -1.97 9.21
CA ALA B 126 -5.02 -1.41 8.72
C ALA B 126 -6.21 -1.96 9.50
N ALA B 127 -6.75 -1.13 10.39
CA ALA B 127 -7.89 -1.53 11.20
C ALA B 127 -9.14 -1.57 10.35
N ILE B 128 -9.56 -2.78 9.99
CA ILE B 128 -10.74 -2.94 9.16
C ILE B 128 -11.83 -3.77 9.80
N ALA B 129 -13.02 -3.62 9.24
CA ALA B 129 -14.19 -4.36 9.73
C ALA B 129 -14.35 -5.65 8.94
N ASP B 130 -15.32 -6.47 9.31
CA ASP B 130 -15.56 -7.71 8.60
C ASP B 130 -16.30 -7.37 7.32
N PHE B 131 -15.82 -7.87 6.19
CA PHE B 131 -16.47 -7.58 4.93
C PHE B 131 -17.94 -7.95 4.85
N ASP B 132 -18.27 -9.16 5.28
CA ASP B 132 -19.65 -9.62 5.25
C ASP B 132 -20.56 -8.71 6.08
N MET B 133 -20.08 -8.35 7.26
CA MET B 133 -20.85 -7.47 8.14
C MET B 133 -21.12 -6.13 7.47
N VAL B 134 -20.13 -5.63 6.73
CA VAL B 134 -20.28 -4.35 6.05
C VAL B 134 -21.34 -4.46 4.96
N ARG B 135 -21.21 -5.52 4.16
CA ARG B 135 -22.14 -5.77 3.07
C ARG B 135 -23.57 -5.90 3.59
N ASN B 136 -23.73 -6.67 4.66
CA ASN B 136 -25.03 -6.89 5.26
C ASN B 136 -25.66 -5.57 5.70
N ALA B 137 -24.85 -4.72 6.33
CA ALA B 137 -25.31 -3.43 6.82
C ALA B 137 -25.76 -2.53 5.68
N VAL B 138 -25.01 -2.57 4.60
CA VAL B 138 -25.32 -1.78 3.43
C VAL B 138 -26.66 -2.22 2.81
N ASP B 139 -26.87 -3.53 2.76
CA ASP B 139 -28.09 -4.11 2.21
C ASP B 139 -29.30 -3.77 3.07
N ALA B 140 -29.15 -3.91 4.38
CA ALA B 140 -30.23 -3.62 5.30
C ALA B 140 -30.65 -2.18 5.17
N ALA B 141 -29.67 -1.29 5.10
CA ALA B 141 -29.95 0.12 4.97
C ALA B 141 -30.77 0.38 3.71
N LYS B 142 -30.28 -0.18 2.61
CA LYS B 142 -30.93 -0.05 1.32
C LYS B 142 -32.39 -0.49 1.41
N ALA B 143 -32.60 -1.64 2.04
CA ALA B 143 -33.92 -2.19 2.21
C ALA B 143 -34.84 -1.26 3.00
N LEU B 144 -34.25 -0.41 3.82
CA LEU B 144 -34.99 0.53 4.63
C LEU B 144 -35.09 1.89 3.99
N GLY B 145 -34.52 2.00 2.79
CA GLY B 145 -34.55 3.25 2.06
C GLY B 145 -33.48 4.23 2.50
N ILE B 146 -32.50 3.74 3.26
CA ILE B 146 -31.42 4.60 3.71
C ILE B 146 -30.17 4.45 2.87
N ASP B 147 -29.53 5.57 2.59
CA ASP B 147 -28.31 5.59 1.78
C ASP B 147 -27.07 5.78 2.64
N ALA B 148 -26.55 4.66 3.12
CA ALA B 148 -25.37 4.67 3.96
C ALA B 148 -24.10 4.86 3.17
N ARG B 149 -23.15 5.56 3.78
CA ARG B 149 -21.88 5.84 3.18
C ARG B 149 -20.84 4.89 3.78
N VAL B 150 -20.08 4.25 2.90
CA VAL B 150 -19.06 3.32 3.33
C VAL B 150 -17.67 3.88 3.09
N GLY B 151 -16.89 3.96 4.17
CA GLY B 151 -15.55 4.49 4.03
C GLY B 151 -14.74 4.37 5.30
N ASN B 152 -13.79 5.30 5.42
CA ASN B 152 -12.91 5.36 6.57
C ASN B 152 -13.41 6.30 7.64
N LEU B 153 -13.20 5.88 8.88
CA LEU B 153 -13.59 6.63 10.05
C LEU B 153 -12.28 7.02 10.71
N PHE B 154 -12.31 7.97 11.63
CA PHE B 154 -11.09 8.39 12.32
C PHE B 154 -11.36 8.27 13.82
N SER B 155 -10.65 7.34 14.46
CA SER B 155 -10.81 7.12 15.88
C SER B 155 -9.79 7.96 16.63
N ALA B 156 -10.27 9.02 17.24
CA ALA B 156 -9.41 9.93 17.99
C ALA B 156 -9.31 9.63 19.47
N ASP B 157 -8.14 9.91 20.01
CA ASP B 157 -7.85 9.70 21.41
C ASP B 157 -8.24 10.96 22.20
N LEU B 158 -8.10 12.10 21.53
CA LEU B 158 -8.42 13.38 22.10
C LEU B 158 -9.62 14.08 21.52
N PHE B 159 -10.73 14.06 22.24
CA PHE B 159 -11.96 14.70 21.79
C PHE B 159 -11.65 16.19 21.59
N TYR B 160 -10.86 16.72 22.53
CA TYR B 160 -10.43 18.11 22.55
C TYR B 160 -8.97 18.14 22.09
N SER B 161 -8.80 17.95 20.80
CA SER B 161 -7.50 17.95 20.16
C SER B 161 -6.84 19.31 20.09
N PRO B 162 -5.56 19.33 20.42
CA PRO B 162 -4.76 20.55 20.39
C PRO B 162 -4.31 20.88 18.99
N ASP B 163 -4.42 19.88 18.10
CA ASP B 163 -4.01 20.04 16.71
C ASP B 163 -5.18 20.06 15.74
N GLY B 164 -5.63 21.28 15.45
CA GLY B 164 -6.74 21.51 14.54
C GLY B 164 -6.42 21.26 13.08
N GLU B 165 -5.14 21.38 12.72
CA GLU B 165 -4.75 21.16 11.34
C GLU B 165 -5.04 19.73 10.89
N MET B 166 -5.14 18.83 11.86
CA MET B 166 -5.41 17.43 11.59
C MET B 166 -6.72 17.25 10.85
N PHE B 167 -7.66 18.18 11.10
CA PHE B 167 -8.97 18.09 10.45
C PHE B 167 -8.89 18.31 8.96
N ASP B 168 -7.93 19.14 8.55
CA ASP B 168 -7.75 19.44 7.13
C ASP B 168 -7.22 18.21 6.41
N VAL B 169 -6.32 17.50 7.08
CA VAL B 169 -5.73 16.29 6.55
C VAL B 169 -6.81 15.23 6.39
N MET B 170 -7.67 15.15 7.40
CA MET B 170 -8.75 14.19 7.39
C MET B 170 -9.63 14.43 6.19
N GLU B 171 -9.98 15.70 6.00
CA GLU B 171 -10.83 16.08 4.89
C GLU B 171 -10.15 15.71 3.60
N LYS B 172 -8.87 15.99 3.55
CA LYS B 172 -8.03 15.72 2.40
C LYS B 172 -8.06 14.26 2.00
N TYR B 173 -7.97 13.37 3.00
CA TYR B 173 -7.98 11.95 2.75
C TYR B 173 -9.31 11.24 2.69
N GLY B 174 -10.36 12.03 2.63
CA GLY B 174 -11.73 11.55 2.55
C GLY B 174 -12.32 10.85 3.76
N ILE B 175 -11.85 11.14 4.98
CA ILE B 175 -12.44 10.44 6.12
C ILE B 175 -13.90 10.85 6.31
N LEU B 176 -14.77 9.85 6.43
CA LEU B 176 -16.20 10.02 6.61
C LEU B 176 -16.65 10.66 7.91
N GLY B 177 -16.05 10.24 9.03
CA GLY B 177 -16.44 10.81 10.29
C GLY B 177 -15.44 10.52 11.38
N VAL B 178 -15.52 11.32 12.44
CA VAL B 178 -14.63 11.14 13.56
C VAL B 178 -15.34 10.73 14.83
N GLU B 179 -14.84 9.65 15.41
CA GLU B 179 -15.36 9.09 16.63
C GLU B 179 -14.19 8.70 17.52
N MET B 180 -14.38 7.76 18.46
CA MET B 180 -13.23 7.42 19.30
C MET B 180 -13.10 5.95 19.67
N GLU B 181 -13.70 5.02 18.90
CA GLU B 181 -13.59 3.61 19.26
C GLU B 181 -13.28 2.61 18.16
N ALA B 182 -13.85 2.80 17.00
CA ALA B 182 -13.67 1.93 15.85
C ALA B 182 -12.33 1.21 15.74
N ALA B 183 -11.25 1.98 15.56
CA ALA B 183 -9.90 1.45 15.43
C ALA B 183 -9.52 0.49 16.53
N GLY B 184 -9.97 0.76 17.75
CA GLY B 184 -9.68 -0.08 18.89
C GLY B 184 -10.42 -1.40 18.84
N ILE B 185 -11.69 -1.33 18.46
CA ILE B 185 -12.54 -2.52 18.35
C ILE B 185 -12.02 -3.46 17.27
N TYR B 186 -11.65 -2.88 16.13
CA TYR B 186 -11.12 -3.64 15.00
C TYR B 186 -9.83 -4.32 15.36
N GLY B 187 -9.01 -3.62 16.17
CA GLY B 187 -7.72 -4.14 16.59
C GLY B 187 -7.92 -5.34 17.51
N VAL B 188 -8.92 -5.22 18.39
CA VAL B 188 -9.22 -6.29 19.33
C VAL B 188 -9.78 -7.51 18.61
N ALA B 189 -10.66 -7.25 17.64
CA ALA B 189 -11.27 -8.33 16.86
C ALA B 189 -10.24 -9.13 16.11
N ALA B 190 -9.28 -8.43 15.52
CA ALA B 190 -8.22 -9.08 14.77
C ALA B 190 -7.33 -9.87 15.69
N GLU B 191 -7.07 -9.30 16.86
CA GLU B 191 -6.22 -9.94 17.84
C GLU B 191 -6.81 -11.21 18.43
N PHE B 192 -8.14 -11.22 18.60
CA PHE B 192 -8.82 -12.37 19.16
C PHE B 192 -9.61 -13.24 18.20
N GLY B 193 -9.55 -12.92 16.92
CA GLY B 193 -10.24 -13.65 15.90
C GLY B 193 -11.77 -13.58 15.95
N ALA B 194 -12.27 -12.36 16.00
CA ALA B 194 -13.70 -12.10 16.04
C ALA B 194 -14.08 -11.18 14.89
N LYS B 195 -15.37 -10.92 14.72
CA LYS B 195 -15.83 -10.06 13.65
C LYS B 195 -16.44 -8.80 14.21
N ALA B 196 -16.11 -7.65 13.63
CA ALA B 196 -16.67 -6.41 14.13
C ALA B 196 -17.03 -5.42 13.05
N LEU B 197 -17.87 -4.50 13.45
CA LEU B 197 -18.35 -3.45 12.57
C LEU B 197 -18.87 -2.26 13.35
N THR B 198 -18.67 -1.07 12.81
CA THR B 198 -19.14 0.12 13.50
C THR B 198 -19.94 1.00 12.56
N ILE B 199 -21.14 1.31 13.00
CA ILE B 199 -22.09 2.14 12.27
C ILE B 199 -22.24 3.43 13.08
N CYS B 200 -22.23 4.56 12.40
CA CYS B 200 -22.37 5.84 13.08
C CYS B 200 -23.31 6.78 12.35
N THR B 201 -23.91 7.66 13.10
CA THR B 201 -24.84 8.64 12.57
C THR B 201 -24.21 9.99 12.77
N VAL B 202 -24.14 10.79 11.71
CA VAL B 202 -23.54 12.12 11.80
C VAL B 202 -24.27 13.00 12.81
N SER B 203 -23.63 13.20 13.96
CA SER B 203 -24.15 14.01 15.05
C SER B 203 -23.95 15.50 14.84
N ASP B 204 -22.82 15.86 14.25
CA ASP B 204 -22.50 17.25 13.99
C ASP B 204 -21.46 17.41 12.92
N HIS B 205 -21.24 18.66 12.52
CA HIS B 205 -20.27 18.99 11.49
C HIS B 205 -19.08 19.70 12.12
N ILE B 206 -17.96 18.98 12.17
CA ILE B 206 -16.76 19.55 12.73
C ILE B 206 -16.40 20.87 12.10
N ARG B 207 -16.64 20.95 10.80
CA ARG B 207 -16.34 22.17 10.05
C ARG B 207 -17.31 23.29 10.36
N THR B 208 -18.41 23.32 9.62
CA THR B 208 -19.44 24.32 9.79
C THR B 208 -20.14 24.22 11.13
N HIS B 209 -19.36 24.00 12.18
CA HIS B 209 -19.90 23.87 13.52
C HIS B 209 -21.42 23.98 13.53
N GLU B 210 -22.08 22.87 13.24
CA GLU B 210 -23.52 22.80 13.22
C GLU B 210 -24.01 21.47 13.80
N GLN B 211 -24.62 21.52 14.96
CA GLN B 211 -25.12 20.32 15.59
C GLN B 211 -26.53 19.97 15.15
N THR B 212 -26.87 18.69 15.30
CA THR B 212 -28.19 18.20 14.94
C THR B 212 -29.18 18.51 16.05
N THR B 213 -30.42 18.07 15.86
CA THR B 213 -31.45 18.31 16.86
C THR B 213 -31.83 17.04 17.61
N ALA B 214 -32.29 17.20 18.83
CA ALA B 214 -32.69 16.04 19.64
C ALA B 214 -33.67 15.17 18.87
N ALA B 215 -34.60 15.83 18.19
CA ALA B 215 -35.62 15.16 17.40
C ALA B 215 -34.98 14.32 16.32
N GLU B 216 -34.22 15.00 15.45
CA GLU B 216 -33.55 14.33 14.35
C GLU B 216 -32.67 13.20 14.88
N ARG B 217 -32.02 13.47 15.99
CA ARG B 217 -31.14 12.50 16.63
C ARG B 217 -31.87 11.21 16.98
N GLN B 218 -32.98 11.36 17.69
CA GLN B 218 -33.79 10.23 18.10
C GLN B 218 -34.22 9.38 16.92
N THR B 219 -34.74 10.05 15.89
CA THR B 219 -35.20 9.37 14.70
C THR B 219 -34.05 8.65 14.00
N THR B 220 -33.03 9.42 13.62
CA THR B 220 -31.89 8.83 12.94
C THR B 220 -31.28 7.71 13.78
N PHE B 221 -31.31 7.89 15.11
CA PHE B 221 -30.77 6.90 16.02
C PHE B 221 -31.50 5.57 15.82
N ASN B 222 -32.83 5.66 15.79
CA ASN B 222 -33.68 4.50 15.62
C ASN B 222 -33.37 3.78 14.32
N ASP B 223 -33.17 4.53 13.25
CA ASP B 223 -32.86 3.97 11.94
C ASP B 223 -31.59 3.14 12.02
N MET B 224 -30.55 3.75 12.57
CA MET B 224 -29.26 3.11 12.72
C MET B 224 -29.42 1.77 13.44
N ILE B 225 -30.18 1.77 14.52
CA ILE B 225 -30.41 0.54 15.30
C ILE B 225 -31.14 -0.50 14.46
N LYS B 226 -32.08 -0.02 13.65
CA LYS B 226 -32.86 -0.90 12.79
C LYS B 226 -31.94 -1.57 11.78
N ILE B 227 -31.04 -0.76 11.24
CA ILE B 227 -30.08 -1.21 10.25
C ILE B 227 -29.19 -2.31 10.84
N ALA B 228 -28.67 -2.05 12.03
CA ALA B 228 -27.81 -2.98 12.70
C ALA B 228 -28.49 -4.30 12.99
N LEU B 229 -29.71 -4.21 13.52
CA LEU B 229 -30.48 -5.40 13.85
C LEU B 229 -30.81 -6.22 12.61
N GLU B 230 -31.32 -5.54 11.59
CA GLU B 230 -31.68 -6.21 10.35
C GLU B 230 -30.46 -6.84 9.70
N SER B 231 -29.32 -6.15 9.81
CA SER B 231 -28.08 -6.64 9.24
C SER B 231 -27.67 -7.98 9.84
N VAL B 232 -28.01 -8.19 11.11
CA VAL B 232 -27.68 -9.43 11.78
C VAL B 232 -28.43 -10.59 11.14
N LEU B 233 -29.73 -10.37 10.92
CA LEU B 233 -30.59 -11.36 10.31
C LEU B 233 -30.05 -11.78 8.95
N LEU B 234 -29.65 -10.78 8.17
CA LEU B 234 -29.11 -11.04 6.85
C LEU B 234 -27.87 -11.91 6.94
N GLY B 235 -27.03 -11.62 7.92
CA GLY B 235 -25.81 -12.37 8.12
C GLY B 235 -26.07 -13.81 8.50
N ASP B 236 -27.25 -14.06 9.07
CA ASP B 236 -27.62 -15.40 9.49
C ASP B 236 -28.02 -16.31 8.33
N LYS B 237 -28.39 -15.69 7.23
CA LYS B 237 -28.80 -16.41 6.03
C LYS B 237 -27.62 -17.06 5.35
N ALA C 1 3.64 12.31 -22.64
CA ALA C 1 3.07 13.39 -21.86
C ALA C 1 3.64 13.52 -20.45
N THR C 2 4.32 12.46 -20.00
CA THR C 2 4.93 12.41 -18.69
C THR C 2 6.30 11.78 -18.78
N PRO C 3 7.13 12.06 -17.78
CA PRO C 3 8.48 11.53 -17.72
C PRO C 3 8.55 10.02 -17.62
N HIS C 4 7.42 9.39 -17.28
CA HIS C 4 7.41 7.93 -17.16
C HIS C 4 6.44 7.28 -18.11
N ILE C 5 5.56 8.09 -18.69
CA ILE C 5 4.57 7.61 -19.62
C ILE C 5 4.52 8.44 -20.89
N ASN C 6 4.96 7.81 -21.98
CA ASN C 6 4.99 8.47 -23.27
C ASN C 6 3.69 8.22 -24.02
N ALA C 7 2.63 8.85 -23.55
CA ALA C 7 1.32 8.74 -24.12
C ALA C 7 0.54 10.02 -23.98
N GLU C 8 -0.60 10.10 -24.64
CA GLU C 8 -1.41 11.29 -24.57
C GLU C 8 -2.78 11.02 -23.97
N MET C 9 -3.38 12.08 -23.45
CA MET C 9 -4.69 12.00 -22.86
C MET C 9 -5.67 11.37 -23.83
N GLY C 10 -6.31 10.30 -23.41
CA GLY C 10 -7.26 9.61 -24.25
C GLY C 10 -6.72 8.25 -24.67
N ASP C 11 -5.42 8.07 -24.48
CA ASP C 11 -4.76 6.83 -24.85
C ASP C 11 -5.13 5.69 -23.90
N PHE C 12 -5.47 6.07 -22.68
CA PHE C 12 -5.86 5.11 -21.65
C PHE C 12 -7.34 5.18 -21.37
N ALA C 13 -7.90 4.04 -20.97
CA ALA C 13 -9.30 3.97 -20.66
C ALA C 13 -9.48 4.51 -19.25
N ASP C 14 -10.73 4.70 -18.84
CA ASP C 14 -10.99 5.21 -17.50
C ASP C 14 -10.68 4.19 -16.42
N VAL C 15 -10.45 2.96 -16.85
CA VAL C 15 -10.14 1.87 -15.95
C VAL C 15 -8.90 1.15 -16.40
N VAL C 16 -7.99 0.87 -15.46
CA VAL C 16 -6.78 0.18 -15.83
C VAL C 16 -6.38 -0.92 -14.89
N LEU C 17 -6.03 -2.04 -15.49
CA LEU C 17 -5.60 -3.26 -14.77
C LEU C 17 -4.08 -3.17 -14.67
N MET C 18 -3.53 -3.50 -13.48
CA MET C 18 -2.08 -3.42 -13.33
C MET C 18 -1.42 -4.59 -12.64
N PRO C 19 -0.57 -5.27 -13.39
CA PRO C 19 0.17 -6.41 -12.91
C PRO C 19 1.53 -5.83 -12.61
N GLY C 20 2.35 -6.52 -11.83
CA GLY C 20 3.66 -5.96 -11.55
C GLY C 20 4.62 -6.11 -12.73
N ASP C 21 4.49 -7.24 -13.45
CA ASP C 21 5.32 -7.55 -14.61
C ASP C 21 4.79 -7.00 -15.92
N PRO C 22 5.59 -6.13 -16.56
CA PRO C 22 5.19 -5.54 -17.83
C PRO C 22 4.87 -6.62 -18.86
N LEU C 23 5.63 -7.71 -18.79
CA LEU C 23 5.45 -8.82 -19.71
C LEU C 23 4.08 -9.45 -19.47
N ARG C 24 3.61 -9.31 -18.24
CA ARG C 24 2.31 -9.84 -17.85
C ARG C 24 1.21 -8.96 -18.41
N ALA C 25 1.54 -7.69 -18.58
CA ALA C 25 0.57 -6.73 -19.11
C ALA C 25 0.28 -7.08 -20.56
N LYS C 26 1.36 -7.39 -21.28
CA LYS C 26 1.28 -7.76 -22.68
C LYS C 26 0.48 -9.04 -22.80
N TYR C 27 0.76 -9.96 -21.88
CA TYR C 27 0.10 -11.26 -21.84
C TYR C 27 -1.41 -11.10 -21.68
N ILE C 28 -1.82 -10.19 -20.78
CA ILE C 28 -3.21 -9.95 -20.54
C ILE C 28 -3.93 -9.38 -21.77
N ALA C 29 -3.32 -8.37 -22.37
CA ALA C 29 -3.87 -7.74 -23.55
C ALA C 29 -4.08 -8.70 -24.71
N GLU C 30 -3.08 -9.52 -24.95
CA GLU C 30 -3.14 -10.50 -26.03
C GLU C 30 -4.17 -11.59 -25.79
N THR C 31 -4.32 -11.97 -24.54
CA THR C 31 -5.24 -13.00 -24.16
C THR C 31 -6.71 -12.61 -24.02
N PHE C 32 -6.98 -11.53 -23.26
CA PHE C 32 -8.35 -11.08 -23.05
C PHE C 32 -8.86 -9.89 -23.81
N LEU C 33 -7.98 -9.04 -24.30
CA LEU C 33 -8.41 -7.87 -25.04
C LEU C 33 -8.50 -8.07 -26.55
N GLU C 34 -9.35 -7.25 -27.15
CA GLU C 34 -9.59 -7.28 -28.59
C GLU C 34 -9.11 -5.94 -29.15
N ASP C 35 -8.34 -5.99 -30.23
CA ASP C 35 -7.83 -4.77 -30.83
C ASP C 35 -6.98 -3.98 -29.86
N ALA C 36 -6.12 -4.69 -29.14
CA ALA C 36 -5.24 -4.05 -28.17
C ALA C 36 -4.07 -3.37 -28.84
N ARG C 37 -3.84 -2.12 -28.46
CA ARG C 37 -2.76 -1.36 -29.02
C ARG C 37 -1.77 -0.93 -27.94
N GLU C 38 -0.49 -1.05 -28.23
CA GLU C 38 0.54 -0.67 -27.28
C GLU C 38 0.41 0.81 -27.06
N VAL C 39 0.30 1.22 -25.81
CA VAL C 39 0.18 2.64 -25.51
C VAL C 39 1.35 3.26 -24.78
N ASN C 40 2.27 2.44 -24.29
CA ASN C 40 3.42 2.96 -23.58
C ASN C 40 4.57 1.97 -23.57
N ASN C 41 5.79 2.48 -23.58
CA ASN C 41 6.94 1.61 -23.55
C ASN C 41 8.15 2.18 -22.82
N VAL C 42 8.06 3.43 -22.35
CA VAL C 42 9.21 4.00 -21.64
C VAL C 42 9.62 3.14 -20.47
N ARG C 43 10.92 2.90 -20.34
CA ARG C 43 11.46 2.09 -19.26
C ARG C 43 11.02 0.64 -19.39
N GLY C 44 10.44 0.30 -20.54
CA GLY C 44 9.98 -1.04 -20.80
C GLY C 44 8.69 -1.37 -20.06
N MET C 45 8.07 -0.35 -19.47
CA MET C 45 6.83 -0.56 -18.74
C MET C 45 5.64 -0.53 -19.67
N LEU C 46 5.48 -1.65 -20.38
CA LEU C 46 4.40 -1.80 -21.33
C LEU C 46 3.00 -1.48 -20.82
N GLY C 47 2.27 -0.73 -21.66
CA GLY C 47 0.91 -0.32 -21.41
C GLY C 47 0.07 -0.56 -22.68
N PHE C 48 -1.13 -1.12 -22.52
CA PHE C 48 -2.02 -1.38 -23.65
C PHE C 48 -3.44 -0.94 -23.41
N THR C 49 -4.15 -0.69 -24.51
CA THR C 49 -5.53 -0.27 -24.49
C THR C 49 -6.33 -1.04 -25.52
N GLY C 50 -7.33 -1.77 -25.06
CA GLY C 50 -8.16 -2.55 -25.93
C GLY C 50 -9.58 -2.62 -25.40
N THR C 51 -10.33 -3.60 -25.90
CA THR C 51 -11.70 -3.76 -25.47
C THR C 51 -11.97 -5.14 -24.92
N TYR C 52 -12.88 -5.16 -23.95
CA TYR C 52 -13.30 -6.38 -23.31
C TYR C 52 -14.81 -6.40 -23.31
N LYS C 53 -15.36 -7.27 -24.16
CA LYS C 53 -16.81 -7.39 -24.27
C LYS C 53 -17.41 -6.04 -24.67
N GLY C 54 -16.71 -5.35 -25.56
CA GLY C 54 -17.12 -4.05 -26.05
C GLY C 54 -16.80 -2.93 -25.10
N ARG C 55 -16.11 -3.25 -24.01
CA ARG C 55 -15.74 -2.24 -23.03
C ARG C 55 -14.27 -1.86 -23.12
N LYS C 56 -14.04 -0.56 -23.20
CA LYS C 56 -12.69 -0.04 -23.29
C LYS C 56 -11.96 -0.22 -21.96
N ILE C 57 -10.79 -0.84 -22.02
CA ILE C 57 -10.00 -1.08 -20.83
C ILE C 57 -8.52 -1.09 -21.13
N SER C 58 -7.72 -0.63 -20.16
CA SER C 58 -6.30 -0.59 -20.32
C SER C 58 -5.57 -1.53 -19.36
N VAL C 59 -4.34 -1.84 -19.71
CA VAL C 59 -3.50 -2.71 -18.94
C VAL C 59 -2.07 -2.21 -18.94
N MET C 60 -1.48 -2.08 -17.76
CA MET C 60 -0.11 -1.60 -17.67
C MET C 60 0.61 -2.09 -16.44
N GLY C 61 1.88 -2.48 -16.62
CA GLY C 61 2.68 -2.95 -15.52
C GLY C 61 2.94 -1.83 -14.51
N HIS C 62 3.22 -2.19 -13.26
CA HIS C 62 3.47 -1.16 -12.26
C HIS C 62 4.84 -1.25 -11.60
N GLY C 63 5.60 -2.29 -11.90
CA GLY C 63 6.91 -2.39 -11.28
C GLY C 63 6.79 -3.00 -9.89
N MET C 64 7.94 -3.31 -9.27
CA MET C 64 7.92 -3.89 -7.95
C MET C 64 8.11 -2.89 -6.84
N GLY C 65 7.22 -2.94 -5.85
CA GLY C 65 7.32 -2.02 -4.73
C GLY C 65 6.40 -0.80 -4.77
N ILE C 66 6.18 -0.28 -3.58
CA ILE C 66 5.34 0.88 -3.36
C ILE C 66 5.76 2.13 -4.13
N PRO C 67 7.05 2.43 -4.09
CA PRO C 67 7.55 3.61 -4.80
C PRO C 67 7.39 3.55 -6.30
N SER C 68 7.51 2.34 -6.87
CA SER C 68 7.35 2.19 -8.31
C SER C 68 5.90 2.39 -8.75
N CYS C 69 4.99 1.65 -8.13
CA CYS C 69 3.57 1.75 -8.44
C CYS C 69 2.99 3.10 -8.13
N SER C 70 3.55 3.75 -7.10
CA SER C 70 3.07 5.07 -6.71
C SER C 70 3.22 6.10 -7.83
N ILE C 71 4.33 6.00 -8.56
CA ILE C 71 4.58 6.91 -9.67
C ILE C 71 3.54 6.74 -10.77
N TYR C 72 3.46 5.49 -11.24
CA TYR C 72 2.52 5.14 -12.29
C TYR C 72 1.08 5.47 -11.96
N THR C 73 0.64 5.03 -10.80
CA THR C 73 -0.72 5.29 -10.37
C THR C 73 -1.09 6.76 -10.32
N LYS C 74 -0.22 7.55 -9.69
CA LYS C 74 -0.50 8.97 -9.60
C LYS C 74 -0.64 9.63 -10.97
N GLU C 75 0.31 9.34 -11.87
CA GLU C 75 0.30 9.90 -13.21
C GLU C 75 -0.95 9.57 -13.98
N LEU C 76 -1.37 8.32 -13.89
CA LEU C 76 -2.57 7.86 -14.58
C LEU C 76 -3.81 8.64 -14.19
N ILE C 77 -3.98 8.82 -12.89
CA ILE C 77 -5.10 9.53 -12.34
C ILE C 77 -5.08 11.01 -12.68
N THR C 78 -3.95 11.61 -12.40
CA THR C 78 -3.65 12.98 -12.61
C THR C 78 -3.53 13.47 -14.05
N ASP C 79 -2.74 12.76 -14.86
CA ASP C 79 -2.57 13.16 -16.24
C ASP C 79 -3.34 12.39 -17.30
N PHE C 80 -3.89 11.21 -16.98
CA PHE C 80 -4.61 10.48 -17.99
C PHE C 80 -6.09 10.31 -17.74
N GLY C 81 -6.59 10.89 -16.65
CA GLY C 81 -8.00 10.80 -16.32
C GLY C 81 -8.48 9.43 -15.87
N VAL C 82 -7.57 8.56 -15.42
CA VAL C 82 -7.98 7.24 -14.97
C VAL C 82 -8.81 7.36 -13.70
N LYS C 83 -9.92 6.65 -13.62
CA LYS C 83 -10.78 6.71 -12.44
C LYS C 83 -10.75 5.48 -11.55
N LYS C 84 -10.48 4.33 -12.12
CA LYS C 84 -10.44 3.10 -11.33
C LYS C 84 -9.21 2.29 -11.63
N ILE C 85 -8.55 1.83 -10.57
CA ILE C 85 -7.35 1.04 -10.73
C ILE C 85 -7.49 -0.31 -10.03
N ILE C 86 -7.16 -1.36 -10.78
CA ILE C 86 -7.23 -2.70 -10.28
C ILE C 86 -5.89 -3.42 -10.39
N ARG C 87 -5.27 -3.66 -9.25
CA ARG C 87 -3.99 -4.35 -9.28
C ARG C 87 -4.26 -5.85 -9.23
N VAL C 88 -3.68 -6.57 -10.20
CA VAL C 88 -3.84 -8.01 -10.30
C VAL C 88 -2.47 -8.64 -10.15
N GLY C 89 -2.25 -9.37 -9.06
CA GLY C 89 -0.94 -9.98 -8.90
C GLY C 89 -0.92 -11.21 -8.04
N SER C 90 0.27 -11.48 -7.53
CA SER C 90 0.48 -12.64 -6.68
C SER C 90 0.89 -12.24 -5.28
N CYS C 91 0.72 -13.18 -4.37
CA CYS C 91 1.07 -12.96 -2.99
C CYS C 91 1.46 -14.24 -2.29
N GLY C 92 2.15 -14.06 -1.17
CA GLY C 92 2.61 -15.18 -0.37
C GLY C 92 1.65 -15.35 0.78
N ALA C 93 1.37 -16.59 1.14
CA ALA C 93 0.45 -16.85 2.22
C ALA C 93 1.14 -17.18 3.53
N VAL C 94 0.52 -16.76 4.63
CA VAL C 94 1.07 -17.02 5.95
C VAL C 94 0.11 -17.91 6.75
N LEU C 95 -1.18 -17.74 6.50
CA LEU C 95 -2.21 -18.51 7.19
C LEU C 95 -2.22 -19.96 6.72
N PRO C 96 -2.29 -20.88 7.67
CA PRO C 96 -2.30 -22.29 7.35
C PRO C 96 -3.48 -22.68 6.49
N HIS C 97 -4.63 -22.09 6.77
CA HIS C 97 -5.84 -22.37 6.02
C HIS C 97 -5.86 -21.74 4.64
N VAL C 98 -4.97 -20.79 4.40
CA VAL C 98 -4.92 -20.13 3.11
C VAL C 98 -4.08 -20.98 2.16
N LYS C 99 -4.76 -21.60 1.20
CA LYS C 99 -4.10 -22.45 0.24
C LYS C 99 -3.67 -21.79 -1.06
N LEU C 100 -2.78 -22.49 -1.75
CA LEU C 100 -2.24 -22.07 -3.01
C LEU C 100 -3.36 -22.00 -4.01
N ARG C 101 -3.28 -21.05 -4.93
CA ARG C 101 -4.31 -20.89 -5.94
C ARG C 101 -5.55 -20.20 -5.41
N ASP C 102 -5.53 -19.85 -4.13
CA ASP C 102 -6.67 -19.16 -3.53
C ASP C 102 -6.70 -17.72 -4.02
N VAL C 103 -7.89 -17.17 -4.19
CA VAL C 103 -8.00 -15.80 -4.65
C VAL C 103 -8.26 -14.86 -3.49
N VAL C 104 -7.34 -13.93 -3.28
CA VAL C 104 -7.50 -12.99 -2.18
C VAL C 104 -7.77 -11.57 -2.64
N ILE C 105 -8.73 -10.96 -1.98
CA ILE C 105 -9.14 -9.59 -2.26
C ILE C 105 -8.74 -8.72 -1.09
N GLY C 106 -7.88 -7.74 -1.37
CA GLY C 106 -7.39 -6.83 -0.35
C GLY C 106 -8.33 -5.68 -0.02
N MET C 107 -9.17 -5.88 0.99
CA MET C 107 -10.11 -4.86 1.40
C MET C 107 -9.32 -3.73 2.07
N GLY C 108 -8.25 -4.15 2.75
CA GLY C 108 -7.33 -3.29 3.46
C GLY C 108 -5.91 -3.70 3.18
N ALA C 109 -4.95 -2.89 3.62
CA ALA C 109 -3.57 -3.23 3.39
C ALA C 109 -2.62 -2.66 4.44
N CYS C 110 -1.99 -3.59 5.18
CA CYS C 110 -1.05 -3.22 6.22
C CYS C 110 0.28 -2.96 5.52
N THR C 111 1.18 -2.25 6.18
CA THR C 111 2.47 -1.99 5.54
C THR C 111 3.56 -1.59 6.51
N ASP C 112 4.79 -1.76 6.06
CA ASP C 112 5.96 -1.43 6.85
C ASP C 112 6.65 -0.21 6.24
N SER C 113 5.97 0.36 5.26
CA SER C 113 6.45 1.54 4.55
C SER C 113 6.10 2.78 5.35
N LYS C 114 6.81 3.87 5.06
CA LYS C 114 6.59 5.12 5.77
C LYS C 114 5.77 6.11 4.94
N VAL C 115 5.40 5.72 3.72
CA VAL C 115 4.64 6.59 2.84
C VAL C 115 3.35 7.16 3.40
N ASN C 116 2.51 6.32 3.99
CA ASN C 116 1.26 6.81 4.55
C ASN C 116 1.45 7.68 5.79
N ARG C 117 2.54 7.45 6.50
CA ARG C 117 2.81 8.23 7.69
C ARG C 117 3.19 9.65 7.29
N ILE C 118 3.87 9.76 6.16
CA ILE C 118 4.30 11.03 5.63
C ILE C 118 3.12 11.85 5.20
N ARG C 119 2.11 11.15 4.67
CA ARG C 119 0.89 11.78 4.22
C ARG C 119 -0.09 12.10 5.32
N PHE C 120 -0.14 11.23 6.32
CA PHE C 120 -1.03 11.36 7.47
C PHE C 120 -0.49 11.91 8.78
N LYS C 121 0.42 12.87 8.73
CA LYS C 121 0.98 13.43 9.96
C LYS C 121 1.49 12.44 10.98
N ASP C 122 2.05 11.34 10.49
CA ASP C 122 2.60 10.30 11.35
C ASP C 122 1.57 9.52 12.13
N HIS C 123 0.32 9.61 11.72
CA HIS C 123 -0.74 8.87 12.41
C HIS C 123 -1.01 7.58 11.66
N ASP C 124 -2.01 6.83 12.11
CA ASP C 124 -2.36 5.58 11.47
C ASP C 124 -3.41 5.75 10.42
N PHE C 125 -2.98 5.61 9.16
CA PHE C 125 -3.92 5.74 8.05
C PHE C 125 -4.32 4.35 7.61
N ALA C 126 -5.61 4.07 7.64
CA ALA C 126 -6.07 2.75 7.23
C ALA C 126 -6.19 2.72 5.70
N ALA C 127 -5.21 2.10 5.04
CA ALA C 127 -5.21 2.00 3.58
C ALA C 127 -6.25 0.99 3.13
N ILE C 128 -7.38 1.48 2.63
CA ILE C 128 -8.44 0.60 2.18
C ILE C 128 -8.81 0.79 0.73
N ALA C 129 -9.44 -0.24 0.19
CA ALA C 129 -9.88 -0.22 -1.19
C ALA C 129 -11.30 0.35 -1.27
N ASP C 130 -11.79 0.53 -2.48
CA ASP C 130 -13.12 1.06 -2.70
C ASP C 130 -14.14 -0.06 -2.42
N PHE C 131 -15.12 0.26 -1.60
CA PHE C 131 -16.15 -0.70 -1.23
C PHE C 131 -16.87 -1.36 -2.40
N ASP C 132 -17.38 -0.54 -3.31
CA ASP C 132 -18.09 -1.03 -4.49
C ASP C 132 -17.25 -1.98 -5.31
N MET C 133 -16.00 -1.58 -5.53
CA MET C 133 -15.07 -2.39 -6.30
C MET C 133 -14.85 -3.74 -5.63
N VAL C 134 -14.83 -3.74 -4.30
CA VAL C 134 -14.64 -4.96 -3.56
C VAL C 134 -15.82 -5.90 -3.77
N ARG C 135 -17.02 -5.36 -3.59
CA ARG C 135 -18.24 -6.14 -3.76
C ARG C 135 -18.45 -6.65 -5.18
N ASN C 136 -18.08 -5.83 -6.14
CA ASN C 136 -18.22 -6.18 -7.54
C ASN C 136 -17.31 -7.36 -7.84
N ALA C 137 -16.13 -7.33 -7.23
CA ALA C 137 -15.15 -8.39 -7.41
C ALA C 137 -15.63 -9.68 -6.76
N VAL C 138 -16.25 -9.54 -5.60
CA VAL C 138 -16.78 -10.69 -4.87
C VAL C 138 -17.88 -11.38 -5.67
N ASP C 139 -18.77 -10.56 -6.21
CA ASP C 139 -19.89 -11.04 -7.00
C ASP C 139 -19.39 -11.70 -8.27
N ALA C 140 -18.47 -11.03 -8.95
CA ALA C 140 -17.90 -11.55 -10.18
C ALA C 140 -17.30 -12.94 -9.93
N ALA C 141 -16.53 -13.05 -8.87
CA ALA C 141 -15.90 -14.30 -8.51
C ALA C 141 -16.93 -15.40 -8.28
N LYS C 142 -17.96 -15.02 -7.55
CA LYS C 142 -19.05 -15.94 -7.22
C LYS C 142 -19.72 -16.48 -8.48
N ALA C 143 -19.86 -15.62 -9.48
CA ALA C 143 -20.49 -16.02 -10.72
C ALA C 143 -19.65 -17.05 -11.47
N LEU C 144 -18.33 -17.00 -11.24
CA LEU C 144 -17.40 -17.91 -11.88
C LEU C 144 -17.17 -19.18 -11.07
N GLY C 145 -17.77 -19.24 -9.90
CA GLY C 145 -17.63 -20.40 -9.03
C GLY C 145 -16.41 -20.33 -8.12
N ILE C 146 -15.78 -19.16 -8.05
CA ILE C 146 -14.61 -19.01 -7.20
C ILE C 146 -15.00 -18.35 -5.88
N ASP C 147 -14.44 -18.86 -4.80
CA ASP C 147 -14.72 -18.31 -3.48
C ASP C 147 -13.55 -17.49 -2.98
N ALA C 148 -13.58 -16.20 -3.27
CA ALA C 148 -12.52 -15.31 -2.87
C ALA C 148 -12.57 -14.92 -1.41
N ARG C 149 -11.38 -14.80 -0.84
CA ARG C 149 -11.23 -14.43 0.55
C ARG C 149 -11.03 -12.93 0.59
N VAL C 150 -11.78 -12.28 1.47
CA VAL C 150 -11.70 -10.84 1.63
C VAL C 150 -11.09 -10.47 2.97
N GLY C 151 -10.01 -9.69 2.93
CA GLY C 151 -9.38 -9.30 4.16
C GLY C 151 -8.20 -8.34 3.98
N ASN C 152 -7.27 -8.46 4.91
CA ASN C 152 -6.08 -7.64 4.93
C ASN C 152 -4.89 -8.29 4.26
N LEU C 153 -4.16 -7.45 3.54
CA LEU C 153 -2.97 -7.83 2.81
C LEU C 153 -1.83 -7.10 3.53
N PHE C 154 -0.60 -7.51 3.27
CA PHE C 154 0.52 -6.87 3.89
C PHE C 154 1.47 -6.44 2.79
N SER C 155 1.64 -5.14 2.64
CA SER C 155 2.54 -4.62 1.60
C SER C 155 3.90 -4.38 2.19
N ALA C 156 4.86 -5.24 1.85
CA ALA C 156 6.21 -5.09 2.38
C ALA C 156 7.16 -4.32 1.50
N ASP C 157 8.13 -3.69 2.15
CA ASP C 157 9.13 -2.91 1.45
C ASP C 157 10.33 -3.79 1.16
N LEU C 158 10.55 -4.75 2.06
CA LEU C 158 11.65 -5.67 1.95
C LEU C 158 11.22 -7.08 1.63
N PHE C 159 11.44 -7.50 0.39
CA PHE C 159 11.08 -8.82 -0.06
C PHE C 159 11.94 -9.81 0.74
N TYR C 160 13.19 -9.41 0.94
CA TYR C 160 14.18 -10.17 1.69
C TYR C 160 14.33 -9.45 3.03
N SER C 161 13.35 -9.64 3.90
CA SER C 161 13.32 -9.03 5.21
C SER C 161 14.24 -9.67 6.24
N PRO C 162 14.86 -8.82 7.05
CA PRO C 162 15.76 -9.28 8.08
C PRO C 162 15.00 -9.62 9.35
N ASP C 163 13.71 -9.31 9.34
CA ASP C 163 12.84 -9.58 10.47
C ASP C 163 11.88 -10.74 10.22
N GLY C 164 12.37 -11.95 10.44
CA GLY C 164 11.56 -13.14 10.23
C GLY C 164 10.40 -13.24 11.21
N GLU C 165 10.56 -12.60 12.36
CA GLU C 165 9.52 -12.62 13.37
C GLU C 165 8.24 -11.94 12.95
N MET C 166 8.34 -11.05 11.97
CA MET C 166 7.20 -10.33 11.46
C MET C 166 6.12 -11.25 10.92
N PHE C 167 6.54 -12.39 10.37
CA PHE C 167 5.61 -13.35 9.81
C PHE C 167 4.68 -13.92 10.85
N ASP C 168 5.19 -14.07 12.06
CA ASP C 168 4.39 -14.61 13.15
C ASP C 168 3.29 -13.60 13.50
N VAL C 169 3.69 -12.34 13.51
CA VAL C 169 2.79 -11.25 13.82
C VAL C 169 1.66 -11.19 12.78
N MET C 170 2.05 -11.27 11.51
CA MET C 170 1.08 -11.23 10.43
C MET C 170 0.05 -12.32 10.61
N GLU C 171 0.54 -13.51 10.87
CA GLU C 171 -0.31 -14.68 11.07
C GLU C 171 -1.28 -14.46 12.23
N LYS C 172 -0.75 -13.91 13.32
CA LYS C 172 -1.56 -13.65 14.48
C LYS C 172 -2.71 -12.70 14.20
N TYR C 173 -2.44 -11.70 13.37
CA TYR C 173 -3.46 -10.70 13.02
C TYR C 173 -4.36 -10.99 11.84
N GLY C 174 -4.27 -12.22 11.33
CA GLY C 174 -5.08 -12.64 10.19
C GLY C 174 -4.72 -12.10 8.82
N ILE C 175 -3.48 -11.73 8.58
CA ILE C 175 -3.14 -11.22 7.26
C ILE C 175 -3.32 -12.33 6.23
N LEU C 176 -4.09 -12.04 5.19
CA LEU C 176 -4.39 -12.97 4.09
C LEU C 176 -3.21 -13.30 3.19
N GLY C 177 -2.54 -12.26 2.68
CA GLY C 177 -1.40 -12.45 1.82
C GLY C 177 -0.36 -11.37 1.94
N VAL C 178 0.84 -11.69 1.47
CA VAL C 178 1.96 -10.78 1.52
C VAL C 178 2.42 -10.36 0.15
N GLU C 179 2.34 -9.05 -0.10
CA GLU C 179 2.76 -8.50 -1.39
C GLU C 179 3.61 -7.26 -1.19
N MET C 180 3.66 -6.35 -2.17
CA MET C 180 4.49 -5.15 -2.00
C MET C 180 3.94 -3.90 -2.64
N GLU C 181 2.64 -3.82 -2.89
CA GLU C 181 2.14 -2.60 -3.52
C GLU C 181 0.80 -2.04 -3.02
N ALA C 182 -0.12 -2.92 -2.65
CA ALA C 182 -1.43 -2.53 -2.17
C ALA C 182 -1.54 -1.24 -1.36
N ALA C 183 -0.84 -1.18 -0.24
CA ALA C 183 -0.87 0.02 0.61
C ALA C 183 -0.51 1.29 -0.14
N GLY C 184 0.46 1.19 -1.04
CA GLY C 184 0.91 2.34 -1.82
C GLY C 184 -0.19 2.80 -2.77
N ILE C 185 -0.83 1.84 -3.44
CA ILE C 185 -1.90 2.15 -4.38
C ILE C 185 -3.08 2.79 -3.66
N TYR C 186 -3.43 2.23 -2.50
CA TYR C 186 -4.55 2.74 -1.72
C TYR C 186 -4.25 4.15 -1.23
N GLY C 187 -2.98 4.40 -0.93
CA GLY C 187 -2.59 5.71 -0.45
C GLY C 187 -2.75 6.76 -1.55
N VAL C 188 -2.28 6.43 -2.75
CA VAL C 188 -2.38 7.33 -3.89
C VAL C 188 -3.83 7.64 -4.27
N ALA C 189 -4.67 6.62 -4.27
CA ALA C 189 -6.08 6.79 -4.61
C ALA C 189 -6.79 7.74 -3.67
N ALA C 190 -6.52 7.60 -2.37
CA ALA C 190 -7.13 8.43 -1.37
C ALA C 190 -6.61 9.86 -1.50
N GLU C 191 -5.33 9.97 -1.83
CA GLU C 191 -4.70 11.26 -1.99
C GLU C 191 -5.14 12.04 -3.21
N PHE C 192 -5.36 11.33 -4.32
CA PHE C 192 -5.79 11.94 -5.56
C PHE C 192 -7.28 11.81 -5.88
N GLY C 193 -8.03 11.21 -4.97
CA GLY C 193 -9.44 11.00 -5.12
C GLY C 193 -9.88 10.03 -6.21
N ALA C 194 -9.29 8.85 -6.22
CA ALA C 194 -9.63 7.84 -7.21
C ALA C 194 -10.12 6.57 -6.51
N LYS C 195 -10.42 5.53 -7.28
CA LYS C 195 -10.90 4.27 -6.73
C LYS C 195 -9.92 3.14 -7.03
N ALA C 196 -9.54 2.39 -6.01
CA ALA C 196 -8.61 1.30 -6.23
C ALA C 196 -8.99 -0.01 -5.55
N LEU C 197 -8.39 -1.07 -6.07
CA LEU C 197 -8.59 -2.41 -5.59
C LEU C 197 -7.42 -3.29 -5.96
N THR C 198 -7.13 -4.24 -5.09
CA THR C 198 -6.04 -5.16 -5.33
C THR C 198 -6.50 -6.60 -5.15
N ILE C 199 -6.24 -7.42 -6.16
CA ILE C 199 -6.60 -8.83 -6.17
C ILE C 199 -5.35 -9.66 -6.37
N CYS C 200 -5.18 -10.72 -5.59
CA CYS C 200 -4.02 -11.57 -5.72
C CYS C 200 -4.32 -13.04 -5.66
N THR C 201 -3.37 -13.81 -6.14
CA THR C 201 -3.46 -15.25 -6.16
C THR C 201 -2.31 -15.77 -5.31
N VAL C 202 -2.58 -16.68 -4.40
CA VAL C 202 -1.52 -17.21 -3.57
C VAL C 202 -0.54 -18.00 -4.42
N SER C 203 0.59 -17.35 -4.72
CA SER C 203 1.63 -17.95 -5.53
C SER C 203 2.53 -18.86 -4.71
N ASP C 204 2.53 -18.64 -3.42
CA ASP C 204 3.34 -19.46 -2.54
C ASP C 204 2.93 -19.36 -1.10
N HIS C 205 3.41 -20.31 -0.33
CA HIS C 205 3.12 -20.37 1.08
C HIS C 205 4.36 -20.20 1.91
N ILE C 206 4.36 -19.15 2.72
CA ILE C 206 5.49 -18.85 3.57
C ILE C 206 5.73 -19.96 4.58
N ARG C 207 4.76 -20.87 4.69
CA ARG C 207 4.87 -21.99 5.61
C ARG C 207 5.47 -23.20 4.90
N THR C 212 2.26 -26.56 -6.75
CA THR C 212 1.37 -27.14 -7.75
C THR C 212 2.02 -27.22 -9.13
N THR C 213 1.25 -27.71 -10.09
CA THR C 213 1.72 -27.85 -11.45
C THR C 213 1.54 -26.54 -12.21
N ALA C 214 2.40 -26.31 -13.19
CA ALA C 214 2.36 -25.11 -13.99
C ALA C 214 0.97 -24.80 -14.53
N ALA C 215 0.41 -25.74 -15.28
CA ALA C 215 -0.92 -25.60 -15.85
C ALA C 215 -1.96 -25.16 -14.84
N GLU C 216 -1.79 -25.62 -13.61
CA GLU C 216 -2.71 -25.26 -12.53
C GLU C 216 -2.62 -23.80 -12.15
N ARG C 217 -1.40 -23.34 -11.90
CA ARG C 217 -1.19 -21.94 -11.53
C ARG C 217 -1.82 -21.00 -12.56
N GLN C 218 -1.42 -21.20 -13.81
CA GLN C 218 -1.90 -20.40 -14.93
C GLN C 218 -3.40 -20.32 -15.03
N THR C 219 -4.08 -21.43 -14.77
CA THR C 219 -5.53 -21.45 -14.83
C THR C 219 -6.13 -20.48 -13.83
N THR C 220 -5.60 -20.53 -12.60
CA THR C 220 -6.07 -19.66 -11.52
C THR C 220 -5.77 -18.21 -11.84
N PHE C 221 -4.58 -17.96 -12.37
CA PHE C 221 -4.16 -16.62 -12.71
C PHE C 221 -5.15 -16.01 -13.69
N ASN C 222 -5.53 -16.81 -14.69
CA ASN C 222 -6.47 -16.37 -15.72
C ASN C 222 -7.82 -16.11 -15.09
N ASP C 223 -8.18 -16.96 -14.13
CA ASP C 223 -9.44 -16.82 -13.43
C ASP C 223 -9.51 -15.47 -12.72
N MET C 224 -8.39 -15.12 -12.09
CA MET C 224 -8.27 -13.87 -11.36
C MET C 224 -8.48 -12.69 -12.30
N ILE C 225 -7.89 -12.78 -13.49
CA ILE C 225 -8.02 -11.71 -14.47
C ILE C 225 -9.47 -11.55 -14.91
N LYS C 226 -10.12 -12.68 -15.16
CA LYS C 226 -11.51 -12.69 -15.57
C LYS C 226 -12.38 -12.03 -14.52
N ILE C 227 -12.07 -12.34 -13.27
CA ILE C 227 -12.81 -11.77 -12.14
C ILE C 227 -12.72 -10.26 -12.20
N ALA C 228 -11.50 -9.79 -12.40
CA ALA C 228 -11.22 -8.36 -12.49
C ALA C 228 -11.99 -7.71 -13.62
N LEU C 229 -11.88 -8.31 -14.80
CA LEU C 229 -12.58 -7.81 -15.99
C LEU C 229 -14.08 -7.78 -15.80
N GLU C 230 -14.62 -8.88 -15.31
CA GLU C 230 -16.05 -8.99 -15.10
C GLU C 230 -16.54 -7.99 -14.05
N SER C 231 -15.75 -7.82 -12.99
CA SER C 231 -16.12 -6.90 -11.93
C SER C 231 -16.31 -5.49 -12.47
N VAL C 232 -15.53 -5.13 -13.49
CA VAL C 232 -15.62 -3.82 -14.09
C VAL C 232 -16.97 -3.63 -14.78
N LEU C 233 -17.39 -4.66 -15.52
CA LEU C 233 -18.66 -4.62 -16.23
C LEU C 233 -19.79 -4.45 -15.24
N LEU C 234 -19.68 -5.16 -14.14
CA LEU C 234 -20.67 -5.10 -13.07
C LEU C 234 -20.81 -3.68 -12.54
N GLY C 235 -19.66 -3.03 -12.36
CA GLY C 235 -19.60 -1.67 -11.86
C GLY C 235 -20.18 -0.66 -12.81
N ASP C 236 -20.09 -0.97 -14.10
CA ASP C 236 -20.61 -0.07 -15.11
C ASP C 236 -22.12 0.07 -15.02
N LYS C 237 -22.77 -0.97 -14.50
CA LYS C 237 -24.21 -0.98 -14.34
C LYS C 237 -24.58 -0.68 -12.90
#